data_4QPP
#
_entry.id   4QPP
#
_cell.length_a   133.884
_cell.length_b   133.884
_cell.length_c   133.419
_cell.angle_alpha   90.00
_cell.angle_beta   90.00
_cell.angle_gamma   90.00
#
_symmetry.space_group_name_H-M   'P 42 2 2'
#
loop_
_entity.id
_entity.type
_entity.pdbx_description
1 polymer 'Protein arginine N-methyltransferase 6'
2 polymer POLY-UNK
3 non-polymer S-ADENOSYL-L-HOMOCYSTEINE
4 non-polymer 2-{4-[3-chloro-2-(2-methoxyphenyl)-1H-indol-5-yl]piperidin-1-yl}-N-methylethanamine
5 water water
#
loop_
_entity_poly.entity_id
_entity_poly.type
_entity_poly.pdbx_seq_one_letter_code
_entity_poly.pdbx_strand_id
1 'polypeptide(L)'
;GMSQPKKRKLESGGGGEGGEGTEEEDGAEREAALERPRRTKRERDQLYYECYSDVSVHEEMIADRVRTDAYRLGILRNWA
ALRGKTVLDVGAGTGILSIFCAQAGARRVYAVEASAIWQQAREVVRFNGLEDRVHVLPGPVETVELPEQVDAIVSEWMGY
GLLHESMLSSVLHARTKWLKEGGLLLPASAELFIVPISDQMLEWRLGFWSQVKQHYGVDMSCLEGFATRCLMGHSEIVVQ
GLSGEDVLARPQRFAQLELSRAGLEQELEAGVGGRFRCSCYGSAPMHGFAIWFQVTFPGGESEKPLVLSTSPFHPATHWK
QALLYLNEPVQVEQDTDVSGEITLLPSRDNPRRLRVLLRYKVGDQEEKTKDFAMED
;
A,B,C
2 'polypeptide(L)' (UNK)(UNK)(UNK)(UNK)(UNK)(UNK)(UNK) D,E,F
#
# COMPACT_ATOMS: atom_id res chain seq x y z
N TYR A 48 -7.44 31.49 -36.94
CA TYR A 48 -6.64 31.12 -38.15
C TYR A 48 -5.31 30.48 -37.78
N TYR A 49 -4.57 31.10 -36.88
CA TYR A 49 -3.33 30.52 -36.38
C TYR A 49 -3.63 29.16 -35.74
N GLU A 50 -3.34 28.09 -36.47
CA GLU A 50 -3.60 26.71 -36.03
C GLU A 50 -5.10 26.45 -35.81
N CYS A 51 -5.90 26.79 -36.81
CA CYS A 51 -7.35 26.63 -36.71
C CYS A 51 -7.86 25.25 -37.17
N TYR A 52 -6.95 24.31 -37.42
CA TYR A 52 -7.36 22.93 -37.76
C TYR A 52 -7.91 22.20 -36.55
N SER A 53 -7.52 22.63 -35.35
CA SER A 53 -8.06 22.09 -34.10
C SER A 53 -9.54 22.40 -33.99
N ASP A 54 -9.89 23.66 -34.26
CA ASP A 54 -11.28 24.09 -34.26
C ASP A 54 -12.11 23.30 -35.27
N VAL A 55 -11.53 23.04 -36.45
CA VAL A 55 -12.21 22.28 -37.47
C VAL A 55 -12.42 20.83 -37.04
N SER A 56 -11.42 20.24 -36.39
CA SER A 56 -11.49 18.86 -35.93
C SER A 56 -12.51 18.67 -34.80
N VAL A 57 -12.52 19.61 -33.85
CA VAL A 57 -13.49 19.56 -32.76
C VAL A 57 -14.91 19.49 -33.30
N HIS A 58 -15.24 20.37 -34.25
CA HIS A 58 -16.61 20.50 -34.73
C HIS A 58 -16.99 19.49 -35.79
N GLU A 59 -16.01 18.98 -36.52
CA GLU A 59 -16.24 17.87 -37.41
C GLU A 59 -16.64 16.65 -36.56
N GLU A 60 -15.83 16.34 -35.56
CA GLU A 60 -16.10 15.29 -34.60
C GLU A 60 -17.46 15.45 -33.93
N MET A 61 -17.77 16.67 -33.53
CA MET A 61 -19.00 16.95 -32.81
C MET A 61 -20.23 16.74 -33.71
N ILE A 62 -20.19 17.28 -34.93
CA ILE A 62 -21.31 17.13 -35.85
C ILE A 62 -21.40 15.68 -36.36
N ALA A 63 -20.25 15.06 -36.62
CA ALA A 63 -20.21 13.67 -37.12
C ALA A 63 -20.69 12.66 -36.07
N ASP A 64 -20.65 13.03 -34.81
CA ASP A 64 -21.25 12.23 -33.74
C ASP A 64 -22.76 12.36 -33.88
N ARG A 65 -23.34 11.54 -34.75
CA ARG A 65 -24.75 11.68 -35.08
C ARG A 65 -25.67 11.42 -33.90
N VAL A 66 -25.30 10.46 -33.05
CA VAL A 66 -26.14 10.13 -31.91
C VAL A 66 -26.33 11.38 -31.04
N ARG A 67 -25.23 12.07 -30.78
CA ARG A 67 -25.24 13.30 -29.99
C ARG A 67 -26.06 14.38 -30.68
N THR A 68 -25.75 14.64 -31.94
CA THR A 68 -26.35 15.72 -32.67
C THR A 68 -27.85 15.50 -32.81
N ASP A 69 -28.25 14.27 -33.13
CA ASP A 69 -29.68 13.93 -33.22
C ASP A 69 -30.40 13.89 -31.88
N ALA A 70 -29.67 13.63 -30.80
CA ALA A 70 -30.27 13.62 -29.48
C ALA A 70 -30.69 15.04 -29.12
N TYR A 71 -29.78 15.99 -29.31
CA TYR A 71 -30.07 17.40 -29.06
C TYR A 71 -31.21 17.91 -29.95
N ARG A 72 -31.19 17.49 -31.20
CA ARG A 72 -32.20 17.90 -32.17
C ARG A 72 -33.57 17.45 -31.73
N LEU A 73 -33.73 16.16 -31.48
CA LEU A 73 -35.01 15.61 -31.04
C LEU A 73 -35.39 16.10 -29.65
N GLY A 74 -34.39 16.23 -28.77
CA GLY A 74 -34.61 16.80 -27.45
C GLY A 74 -35.24 18.18 -27.56
N ILE A 75 -34.72 18.98 -28.49
CA ILE A 75 -35.20 20.33 -28.74
C ILE A 75 -36.60 20.35 -29.37
N LEU A 76 -36.77 19.57 -30.44
CA LEU A 76 -38.06 19.50 -31.13
C LEU A 76 -39.20 19.01 -30.25
N ARG A 77 -38.89 18.14 -29.30
CA ARG A 77 -39.92 17.63 -28.38
C ARG A 77 -40.41 18.67 -27.40
N ASN A 78 -39.61 19.71 -27.19
CA ASN A 78 -40.02 20.84 -26.35
C ASN A 78 -40.52 22.02 -27.19
N TRP A 79 -41.12 21.73 -28.34
CA TRP A 79 -41.68 22.78 -29.22
C TRP A 79 -42.66 23.71 -28.49
N ALA A 80 -43.50 23.14 -27.62
CA ALA A 80 -44.51 23.93 -26.90
C ALA A 80 -43.87 24.92 -25.95
N ALA A 81 -42.76 24.53 -25.32
CA ALA A 81 -42.02 25.42 -24.43
C ALA A 81 -41.14 26.44 -25.15
N LEU A 82 -40.79 26.16 -26.40
CA LEU A 82 -39.83 26.99 -27.16
C LEU A 82 -40.48 27.90 -28.19
N ARG A 83 -41.69 27.58 -28.63
CA ARG A 83 -42.34 28.34 -29.70
C ARG A 83 -42.58 29.80 -29.28
N GLY A 84 -42.03 30.73 -30.06
CA GLY A 84 -42.17 32.15 -29.77
C GLY A 84 -41.35 32.64 -28.58
N LYS A 85 -40.52 31.76 -28.01
CA LYS A 85 -39.77 32.07 -26.81
C LYS A 85 -38.31 32.33 -27.16
N THR A 86 -37.50 32.63 -26.15
CA THR A 86 -36.11 33.02 -26.37
C THR A 86 -35.14 31.99 -25.78
N VAL A 87 -34.05 31.75 -26.51
CA VAL A 87 -33.10 30.72 -26.15
C VAL A 87 -31.67 31.26 -26.13
N LEU A 88 -30.90 30.76 -25.16
CA LEU A 88 -29.47 31.01 -25.06
C LEU A 88 -28.73 29.72 -25.33
N ASP A 89 -27.91 29.70 -26.38
CA ASP A 89 -27.06 28.55 -26.72
C ASP A 89 -25.66 28.80 -26.18
N VAL A 90 -25.32 28.12 -25.07
CA VAL A 90 -24.04 28.33 -24.41
C VAL A 90 -22.96 27.54 -25.13
N GLY A 91 -22.09 28.24 -25.84
CA GLY A 91 -21.01 27.60 -26.60
C GLY A 91 -21.57 27.02 -27.89
N ALA A 92 -21.98 27.91 -28.78
CA ALA A 92 -22.75 27.52 -29.96
C ALA A 92 -21.93 26.89 -31.08
N GLY A 93 -20.62 27.09 -31.06
CA GLY A 93 -19.73 26.45 -32.04
C GLY A 93 -20.06 26.85 -33.46
N THR A 94 -20.45 25.89 -34.29
CA THR A 94 -20.89 26.15 -35.66
C THR A 94 -22.31 26.71 -35.73
N GLY A 95 -23.02 26.73 -34.60
CA GLY A 95 -24.36 27.29 -34.52
C GLY A 95 -25.46 26.26 -34.71
N ILE A 96 -25.08 24.99 -34.91
CA ILE A 96 -26.07 23.98 -35.31
C ILE A 96 -27.26 23.84 -34.35
N LEU A 97 -27.01 23.86 -33.05
CA LEU A 97 -28.08 23.69 -32.05
C LEU A 97 -29.00 24.91 -31.97
N SER A 98 -28.42 26.10 -32.13
CA SER A 98 -29.20 27.31 -32.22
C SER A 98 -30.18 27.24 -33.39
N ILE A 99 -29.73 26.67 -34.50
CA ILE A 99 -30.59 26.53 -35.69
C ILE A 99 -31.70 25.51 -35.46
N PHE A 100 -31.39 24.42 -34.75
CA PHE A 100 -32.42 23.46 -34.31
C PHE A 100 -33.52 24.14 -33.47
N CYS A 101 -33.13 25.07 -32.60
CA CYS A 101 -34.10 25.80 -31.78
C CYS A 101 -35.00 26.69 -32.65
N ALA A 102 -34.42 27.30 -33.69
CA ALA A 102 -35.20 28.04 -34.67
C ALA A 102 -36.17 27.10 -35.36
N GLN A 103 -35.67 25.95 -35.81
CA GLN A 103 -36.54 24.93 -36.43
C GLN A 103 -37.72 24.55 -35.54
N ALA A 104 -37.50 24.51 -34.22
CA ALA A 104 -38.55 24.19 -33.25
C ALA A 104 -39.47 25.36 -32.91
N GLY A 105 -39.20 26.55 -33.45
CA GLY A 105 -40.10 27.69 -33.32
C GLY A 105 -39.69 28.82 -32.38
N ALA A 106 -38.44 28.82 -31.92
CA ALA A 106 -37.94 29.91 -31.07
C ALA A 106 -37.96 31.22 -31.85
N ARG A 107 -38.33 32.31 -31.18
CA ARG A 107 -38.38 33.61 -31.84
C ARG A 107 -36.98 34.21 -31.93
N ARG A 108 -36.22 34.13 -30.84
CA ARG A 108 -34.84 34.58 -30.81
C ARG A 108 -33.93 33.55 -30.16
N VAL A 109 -32.77 33.32 -30.77
CA VAL A 109 -31.73 32.48 -30.18
C VAL A 109 -30.44 33.28 -30.09
N TYR A 110 -29.84 33.30 -28.89
CA TYR A 110 -28.55 33.95 -28.69
C TYR A 110 -27.45 32.90 -28.64
N ALA A 111 -26.70 32.80 -29.73
CA ALA A 111 -25.62 31.82 -29.88
C ALA A 111 -24.31 32.41 -29.39
N VAL A 112 -23.90 32.03 -28.19
CA VAL A 112 -22.71 32.59 -27.57
C VAL A 112 -21.51 31.64 -27.71
N GLU A 113 -20.40 32.16 -28.27
CA GLU A 113 -19.24 31.34 -28.60
C GLU A 113 -17.92 32.10 -28.33
N ALA A 114 -17.06 31.51 -27.49
CA ALA A 114 -15.80 32.14 -27.07
C ALA A 114 -14.69 32.01 -28.11
N SER A 115 -14.62 30.86 -28.77
CA SER A 115 -13.60 30.60 -29.78
C SER A 115 -13.89 31.39 -31.06
N ALA A 116 -12.88 31.49 -31.92
CA ALA A 116 -13.00 32.23 -33.18
C ALA A 116 -13.90 31.54 -34.19
N ILE A 117 -14.34 30.31 -33.88
CA ILE A 117 -15.35 29.61 -34.68
C ILE A 117 -16.66 30.40 -34.82
N TRP A 118 -16.90 31.34 -33.91
CA TRP A 118 -18.10 32.19 -33.95
C TRP A 118 -18.33 32.84 -35.32
N GLN A 119 -17.25 33.17 -36.04
CA GLN A 119 -17.36 33.79 -37.36
C GLN A 119 -17.96 32.83 -38.39
N GLN A 120 -17.66 31.55 -38.25
CA GLN A 120 -18.22 30.53 -39.13
C GLN A 120 -19.66 30.22 -38.73
N ALA A 121 -19.96 30.32 -37.44
CA ALA A 121 -21.32 30.19 -36.93
C ALA A 121 -22.21 31.27 -37.51
N ARG A 122 -21.69 32.49 -37.55
CA ARG A 122 -22.40 33.63 -38.13
C ARG A 122 -22.63 33.40 -39.61
N GLU A 123 -21.62 32.86 -40.29
CA GLU A 123 -21.73 32.59 -41.71
C GLU A 123 -22.77 31.51 -41.99
N VAL A 124 -22.84 30.49 -41.14
CA VAL A 124 -23.83 29.41 -41.29
C VAL A 124 -25.25 29.92 -41.06
N VAL A 125 -25.41 30.77 -40.05
CA VAL A 125 -26.72 31.35 -39.71
C VAL A 125 -27.28 32.16 -40.88
N ARG A 126 -26.44 33.01 -41.48
CA ARG A 126 -26.88 33.85 -42.59
C ARG A 126 -27.01 33.03 -43.87
N PHE A 127 -26.17 32.01 -44.02
CA PHE A 127 -26.24 31.13 -45.20
C PHE A 127 -27.53 30.33 -45.21
N ASN A 128 -28.11 30.07 -44.03
CA ASN A 128 -29.42 29.44 -43.91
C ASN A 128 -30.57 30.43 -43.69
N GLY A 129 -30.29 31.72 -43.85
CA GLY A 129 -31.30 32.77 -43.76
C GLY A 129 -31.99 32.92 -42.41
N LEU A 130 -31.24 32.81 -41.33
CA LEU A 130 -31.81 32.84 -39.99
C LEU A 130 -31.26 33.99 -39.14
N GLU A 131 -30.62 34.97 -39.78
CA GLU A 131 -29.97 36.07 -39.07
C GLU A 131 -30.95 37.02 -38.36
N ASP A 132 -32.22 36.96 -38.71
CA ASP A 132 -33.27 37.71 -38.00
C ASP A 132 -33.72 37.04 -36.71
N ARG A 133 -33.56 35.71 -36.64
CA ARG A 133 -33.97 34.94 -35.46
C ARG A 133 -32.80 34.43 -34.60
N VAL A 134 -31.65 34.16 -35.22
CA VAL A 134 -30.45 33.71 -34.48
C VAL A 134 -29.36 34.77 -34.54
N HIS A 135 -28.88 35.19 -33.37
CA HIS A 135 -27.84 36.21 -33.28
C HIS A 135 -26.59 35.63 -32.64
N VAL A 136 -25.50 35.56 -33.41
CA VAL A 136 -24.24 35.04 -32.90
C VAL A 136 -23.53 36.12 -32.11
N LEU A 137 -23.32 35.87 -30.82
CA LEU A 137 -22.63 36.80 -29.93
C LEU A 137 -21.26 36.26 -29.53
N PRO A 138 -20.18 36.87 -30.05
CA PRO A 138 -18.84 36.39 -29.68
C PRO A 138 -18.43 36.74 -28.25
N GLY A 139 -17.63 35.88 -27.64
CA GLY A 139 -17.08 36.08 -26.31
C GLY A 139 -17.47 34.94 -25.38
N PRO A 140 -16.87 34.90 -24.18
CA PRO A 140 -17.26 33.95 -23.14
C PRO A 140 -18.68 34.20 -22.63
N VAL A 141 -19.37 33.14 -22.22
CA VAL A 141 -20.76 33.27 -21.77
C VAL A 141 -20.87 34.04 -20.45
N GLU A 142 -19.80 34.06 -19.67
CA GLU A 142 -19.83 34.70 -18.35
C GLU A 142 -19.66 36.22 -18.44
N THR A 143 -19.20 36.72 -19.58
CA THR A 143 -19.02 38.16 -19.77
C THR A 143 -19.86 38.78 -20.90
N VAL A 144 -20.50 37.95 -21.73
CA VAL A 144 -21.32 38.44 -22.84
C VAL A 144 -22.52 39.24 -22.33
N GLU A 145 -22.97 40.21 -23.14
CA GLU A 145 -24.12 41.03 -22.76
C GLU A 145 -25.34 40.74 -23.64
N LEU A 146 -26.33 40.10 -23.03
CA LEU A 146 -27.63 39.86 -23.68
C LEU A 146 -28.55 41.05 -23.46
N PRO A 147 -29.46 41.30 -24.43
CA PRO A 147 -30.46 42.36 -24.27
C PRO A 147 -31.59 42.03 -23.29
N GLU A 148 -31.60 40.81 -22.76
CA GLU A 148 -32.74 40.31 -21.98
C GLU A 148 -32.44 38.93 -21.38
N GLN A 149 -33.23 38.53 -20.42
CA GLN A 149 -33.22 37.15 -19.93
C GLN A 149 -33.91 36.22 -20.93
N VAL A 150 -33.67 34.92 -20.80
CA VAL A 150 -34.20 33.93 -21.74
C VAL A 150 -35.14 32.92 -21.09
N ASP A 151 -35.94 32.27 -21.93
CA ASP A 151 -36.89 31.26 -21.50
C ASP A 151 -36.28 29.87 -21.43
N ALA A 152 -35.16 29.68 -22.14
CA ALA A 152 -34.50 28.39 -22.19
C ALA A 152 -33.01 28.52 -22.42
N ILE A 153 -32.28 27.50 -21.97
CA ILE A 153 -30.86 27.34 -22.30
C ILE A 153 -30.68 25.98 -22.96
N VAL A 154 -29.90 25.97 -24.04
CA VAL A 154 -29.40 24.74 -24.64
C VAL A 154 -27.87 24.78 -24.63
N SER A 155 -27.23 23.63 -24.36
CA SER A 155 -25.77 23.58 -24.27
C SER A 155 -25.22 22.17 -24.44
N GLU A 156 -24.24 22.05 -25.32
CA GLU A 156 -23.36 20.89 -25.43
C GLU A 156 -22.17 21.12 -24.50
N TRP A 157 -22.25 20.64 -23.27
CA TRP A 157 -21.25 20.97 -22.24
C TRP A 157 -20.43 19.80 -21.70
N MET A 158 -20.82 18.56 -22.05
CA MET A 158 -20.28 17.38 -21.40
C MET A 158 -18.87 17.04 -21.87
N GLY A 159 -17.99 16.72 -20.93
CA GLY A 159 -16.62 16.31 -21.24
C GLY A 159 -16.44 14.82 -21.07
N TYR A 160 -15.22 14.33 -21.32
CA TYR A 160 -14.91 12.92 -21.11
C TYR A 160 -15.13 12.63 -19.63
N GLY A 161 -15.69 11.46 -19.33
CA GLY A 161 -16.10 11.11 -17.97
C GLY A 161 -17.06 12.13 -17.39
N LEU A 162 -17.85 12.74 -18.27
CA LEU A 162 -18.74 13.87 -17.96
C LEU A 162 -18.05 15.18 -17.58
N LEU A 163 -17.15 15.13 -16.59
CA LEU A 163 -16.65 16.35 -15.94
C LEU A 163 -15.20 16.73 -16.23
N HIS A 164 -14.50 16.00 -17.09
CA HIS A 164 -13.17 16.41 -17.50
C HIS A 164 -13.24 17.55 -18.51
N GLU A 165 -12.69 18.71 -18.15
CA GLU A 165 -12.65 19.88 -19.04
C GLU A 165 -14.02 20.18 -19.69
N SER A 166 -15.05 20.20 -18.85
CA SER A 166 -16.42 20.43 -19.28
C SER A 166 -16.80 21.90 -19.15
N MET A 167 -17.95 22.24 -19.76
CA MET A 167 -18.48 23.62 -19.70
CA MET A 167 -18.50 23.60 -19.73
C MET A 167 -19.58 23.74 -18.66
N LEU A 168 -19.63 22.83 -17.70
CA LEU A 168 -20.71 22.83 -16.71
C LEU A 168 -20.81 24.12 -15.89
N SER A 169 -19.67 24.66 -15.45
CA SER A 169 -19.71 25.85 -14.60
C SER A 169 -20.19 27.05 -15.42
N SER A 170 -19.75 27.16 -16.66
CA SER A 170 -20.24 28.17 -17.58
C SER A 170 -21.76 28.07 -17.73
N VAL A 171 -22.28 26.85 -17.87
CA VAL A 171 -23.72 26.62 -18.01
C VAL A 171 -24.46 27.03 -16.73
N LEU A 172 -23.95 26.62 -15.57
CA LEU A 172 -24.58 26.97 -14.29
C LEU A 172 -24.47 28.47 -14.01
N HIS A 173 -23.36 29.10 -14.41
CA HIS A 173 -23.21 30.54 -14.33
C HIS A 173 -24.26 31.26 -15.18
N ALA A 174 -24.39 30.84 -16.44
CA ALA A 174 -25.35 31.43 -17.37
C ALA A 174 -26.81 31.17 -17.01
N ARG A 175 -27.07 30.08 -16.29
CA ARG A 175 -28.41 29.79 -15.80
C ARG A 175 -28.84 30.86 -14.81
N THR A 176 -28.03 31.05 -13.78
CA THR A 176 -28.31 32.03 -12.73
C THR A 176 -28.45 33.43 -13.32
N LYS A 177 -27.48 33.82 -14.13
CA LYS A 177 -27.45 35.17 -14.67
C LYS A 177 -28.61 35.48 -15.64
N TRP A 178 -28.90 34.53 -16.54
CA TRP A 178 -29.74 34.82 -17.71
C TRP A 178 -31.05 34.04 -17.86
N LEU A 179 -31.14 32.84 -17.31
CA LEU A 179 -32.35 32.03 -17.48
C LEU A 179 -33.43 32.50 -16.51
N LYS A 180 -34.64 32.69 -17.02
CA LYS A 180 -35.76 33.11 -16.19
C LYS A 180 -36.10 32.04 -15.17
N GLU A 181 -36.67 32.47 -14.05
CA GLU A 181 -37.04 31.55 -12.97
C GLU A 181 -38.04 30.55 -13.53
N GLY A 182 -37.77 29.26 -13.30
CA GLY A 182 -38.60 28.19 -13.84
C GLY A 182 -38.32 27.85 -15.29
N GLY A 183 -37.28 28.45 -15.88
CA GLY A 183 -36.96 28.25 -17.29
C GLY A 183 -36.52 26.85 -17.65
N LEU A 184 -36.35 26.62 -18.94
CA LEU A 184 -36.10 25.29 -19.49
C LEU A 184 -34.60 25.06 -19.72
N LEU A 185 -34.11 23.89 -19.29
CA LEU A 185 -32.70 23.50 -19.45
C LEU A 185 -32.64 22.26 -20.34
N LEU A 186 -31.88 22.35 -21.42
CA LEU A 186 -31.73 21.25 -22.37
C LEU A 186 -30.24 20.92 -22.55
N PRO A 187 -29.78 19.76 -22.06
CA PRO A 187 -30.54 18.83 -21.23
C PRO A 187 -30.73 19.36 -19.81
N ALA A 188 -31.62 18.74 -19.06
CA ALA A 188 -31.98 19.18 -17.71
C ALA A 188 -31.24 18.46 -16.58
N SER A 189 -30.73 17.27 -16.87
CA SER A 189 -30.06 16.47 -15.85
C SER A 189 -28.98 15.58 -16.44
N ALA A 190 -28.15 15.02 -15.58
CA ALA A 190 -27.11 14.09 -15.98
C ALA A 190 -27.01 12.97 -14.96
N GLU A 191 -26.64 11.78 -15.41
CA GLU A 191 -26.48 10.64 -14.53
C GLU A 191 -25.16 9.92 -14.84
N LEU A 192 -24.51 9.43 -13.79
CA LEU A 192 -23.22 8.74 -13.92
C LEU A 192 -23.33 7.30 -13.49
N PHE A 193 -22.70 6.42 -14.26
CA PHE A 193 -22.77 4.98 -14.05
C PHE A 193 -21.39 4.37 -13.95
N ILE A 194 -21.30 3.27 -13.21
CA ILE A 194 -20.07 2.50 -13.08
C ILE A 194 -20.40 1.01 -13.16
N VAL A 195 -19.46 0.23 -13.68
CA VAL A 195 -19.62 -1.22 -13.80
C VAL A 195 -18.26 -1.90 -13.92
N PRO A 196 -18.12 -3.12 -13.37
CA PRO A 196 -16.89 -3.88 -13.64
C PRO A 196 -16.84 -4.37 -15.08
N ILE A 197 -15.64 -4.41 -15.65
CA ILE A 197 -15.46 -4.80 -17.05
C ILE A 197 -14.30 -5.79 -17.25
N SER A 198 -14.38 -6.55 -18.34
CA SER A 198 -13.23 -7.28 -18.87
C SER A 198 -12.93 -6.71 -20.24
N ASP A 199 -11.90 -5.85 -20.31
CA ASP A 199 -11.51 -5.17 -21.54
C ASP A 199 -10.81 -6.10 -22.54
N GLN A 200 -11.59 -6.53 -23.51
CA GLN A 200 -11.19 -7.45 -24.57
C GLN A 200 -9.96 -6.98 -25.37
N MET A 201 -9.85 -5.68 -25.59
CA MET A 201 -8.73 -5.10 -26.33
C MET A 201 -7.44 -5.26 -25.53
N LEU A 202 -7.51 -4.96 -24.24
CA LEU A 202 -6.37 -5.12 -23.35
C LEU A 202 -5.91 -6.58 -23.30
N GLU A 203 -6.87 -7.49 -23.18
CA GLU A 203 -6.58 -8.93 -23.17
C GLU A 203 -5.82 -9.38 -24.41
N TRP A 204 -6.21 -8.86 -25.56
CA TRP A 204 -5.53 -9.13 -26.82
C TRP A 204 -4.10 -8.56 -26.82
N ARG A 205 -3.95 -7.34 -26.29
CA ARG A 205 -2.63 -6.72 -26.17
C ARG A 205 -1.69 -7.50 -25.24
N LEU A 206 -2.24 -8.01 -24.14
CA LEU A 206 -1.44 -8.76 -23.18
C LEU A 206 -1.08 -10.15 -23.70
N GLY A 207 -1.96 -10.75 -24.49
CA GLY A 207 -1.73 -12.07 -25.08
C GLY A 207 -0.80 -12.06 -26.29
N PHE A 208 -0.50 -10.87 -26.79
CA PHE A 208 0.35 -10.68 -27.97
C PHE A 208 1.70 -11.36 -27.80
N TRP A 209 2.33 -11.12 -26.65
CA TRP A 209 3.70 -11.56 -26.40
C TRP A 209 3.85 -13.07 -26.40
N SER A 210 2.81 -13.78 -25.97
CA SER A 210 2.84 -15.23 -25.95
C SER A 210 2.60 -15.85 -27.34
N GLN A 211 2.27 -15.02 -28.32
CA GLN A 211 2.09 -15.51 -29.70
C GLN A 211 3.24 -15.16 -30.65
N VAL A 212 4.22 -14.40 -30.17
CA VAL A 212 5.34 -13.99 -31.01
C VAL A 212 6.04 -15.22 -31.59
N LYS A 213 6.25 -16.22 -30.74
CA LYS A 213 6.89 -17.49 -31.12
C LYS A 213 6.36 -18.13 -32.41
N GLN A 214 5.05 -18.02 -32.65
CA GLN A 214 4.38 -18.76 -33.74
C GLN A 214 4.98 -18.47 -35.11
N HIS A 215 5.18 -17.19 -35.38
CA HIS A 215 5.67 -16.76 -36.68
C HIS A 215 7.17 -16.44 -36.67
N TYR A 216 7.75 -16.19 -35.49
CA TYR A 216 9.13 -15.70 -35.41
C TYR A 216 10.15 -16.67 -34.80
N GLY A 217 9.67 -17.69 -34.07
CA GLY A 217 10.56 -18.63 -33.41
C GLY A 217 11.31 -18.07 -32.21
N VAL A 218 10.91 -16.89 -31.75
CA VAL A 218 11.42 -16.28 -30.53
C VAL A 218 10.24 -16.25 -29.58
N ASP A 219 10.37 -16.92 -28.43
CA ASP A 219 9.30 -16.97 -27.44
C ASP A 219 9.43 -15.78 -26.51
N MET A 220 8.34 -15.03 -26.36
CA MET A 220 8.30 -13.84 -25.51
C MET A 220 7.16 -13.90 -24.49
N SER A 221 6.71 -15.11 -24.20
CA SER A 221 5.74 -15.35 -23.13
C SER A 221 6.18 -14.79 -21.79
N CYS A 222 7.50 -14.73 -21.58
CA CYS A 222 8.06 -14.18 -20.35
C CYS A 222 7.76 -12.69 -20.12
N LEU A 223 7.41 -11.96 -21.18
CA LEU A 223 7.11 -10.53 -21.05
C LEU A 223 5.65 -10.24 -20.67
N GLU A 224 4.80 -11.26 -20.60
CA GLU A 224 3.39 -11.05 -20.30
C GLU A 224 3.19 -10.34 -18.97
N GLY A 225 3.93 -10.76 -17.94
CA GLY A 225 3.86 -10.12 -16.62
C GLY A 225 4.30 -8.67 -16.63
N PHE A 226 5.41 -8.39 -17.29
CA PHE A 226 5.88 -7.03 -17.47
C PHE A 226 4.86 -6.19 -18.24
N ALA A 227 4.34 -6.73 -19.33
CA ALA A 227 3.32 -6.04 -20.12
C ALA A 227 2.09 -5.75 -19.27
N THR A 228 1.61 -6.77 -18.56
CA THR A 228 0.41 -6.67 -17.72
C THR A 228 0.57 -5.60 -16.63
N ARG A 229 1.70 -5.64 -15.93
CA ARG A 229 1.96 -4.68 -14.86
C ARG A 229 2.12 -3.24 -15.38
N CYS A 230 2.65 -3.08 -16.59
CA CYS A 230 2.85 -1.75 -17.18
C CYS A 230 1.56 -1.13 -17.72
N LEU A 231 0.79 -1.91 -18.47
CA LEU A 231 -0.46 -1.40 -19.06
C LEU A 231 -1.59 -1.26 -18.03
N MET A 232 -1.45 -1.85 -16.85
CA MET A 232 -2.51 -1.78 -15.83
C MET A 232 -2.11 -1.01 -14.57
N GLY A 233 -0.81 -0.91 -14.30
CA GLY A 233 -0.33 -0.34 -13.04
C GLY A 233 -0.27 1.17 -12.98
N HIS A 234 -0.32 1.82 -14.14
CA HIS A 234 -0.44 3.28 -14.20
C HIS A 234 -1.72 3.81 -13.52
N SER A 235 -1.77 5.12 -13.30
CA SER A 235 -2.85 5.77 -12.58
C SER A 235 -3.55 6.81 -13.47
N GLU A 236 -3.80 6.42 -14.70
CA GLU A 236 -4.35 7.29 -15.72
C GLU A 236 -5.68 6.75 -16.21
N ILE A 237 -6.65 7.65 -16.33
CA ILE A 237 -7.96 7.29 -16.83
C ILE A 237 -7.82 7.11 -18.33
N VAL A 238 -8.20 5.94 -18.83
CA VAL A 238 -8.10 5.65 -20.26
C VAL A 238 -9.46 5.83 -20.93
N VAL A 239 -9.52 6.70 -21.93
CA VAL A 239 -10.73 6.87 -22.72
C VAL A 239 -10.69 5.85 -23.85
N GLN A 240 -11.64 4.92 -23.84
CA GLN A 240 -11.70 3.87 -24.86
C GLN A 240 -13.14 3.40 -25.04
N GLY A 241 -13.49 3.05 -26.27
CA GLY A 241 -14.78 2.45 -26.56
C GLY A 241 -14.77 0.96 -26.25
N LEU A 242 -15.66 0.53 -25.37
CA LEU A 242 -15.82 -0.88 -25.09
C LEU A 242 -16.94 -1.44 -25.93
N SER A 243 -16.92 -2.76 -26.10
CA SER A 243 -18.06 -3.46 -26.65
C SER A 243 -18.94 -3.85 -25.45
N GLY A 244 -20.22 -4.07 -25.70
CA GLY A 244 -21.15 -4.38 -24.62
C GLY A 244 -20.83 -5.65 -23.84
N GLU A 245 -20.27 -6.66 -24.51
CA GLU A 245 -19.93 -7.91 -23.85
C GLU A 245 -18.70 -7.82 -22.91
N ASP A 246 -18.02 -6.67 -22.88
CA ASP A 246 -16.95 -6.42 -21.91
C ASP A 246 -17.51 -6.12 -20.51
N VAL A 247 -18.82 -5.92 -20.41
CA VAL A 247 -19.46 -5.53 -19.16
C VAL A 247 -19.82 -6.79 -18.35
N LEU A 248 -19.36 -6.83 -17.10
CA LEU A 248 -19.46 -8.03 -16.29
C LEU A 248 -20.63 -8.04 -15.31
N ALA A 249 -21.37 -6.94 -15.22
CA ALA A 249 -22.51 -6.88 -14.30
C ALA A 249 -23.50 -5.79 -14.71
N ARG A 250 -24.63 -5.73 -14.01
CA ARG A 250 -25.61 -4.68 -14.27
C ARG A 250 -24.99 -3.35 -13.87
N PRO A 251 -24.93 -2.37 -14.79
CA PRO A 251 -24.38 -1.06 -14.45
C PRO A 251 -25.13 -0.37 -13.32
N GLN A 252 -24.37 0.28 -12.44
CA GLN A 252 -24.91 0.91 -11.25
C GLN A 252 -24.76 2.42 -11.35
N ARG A 253 -25.86 3.13 -11.09
CA ARG A 253 -25.82 4.57 -11.09
C ARG A 253 -25.26 5.03 -9.75
N PHE A 254 -24.27 5.91 -9.77
CA PHE A 254 -23.67 6.40 -8.53
C PHE A 254 -23.84 7.90 -8.26
N ALA A 255 -24.31 8.65 -9.26
CA ALA A 255 -24.58 10.07 -9.07
C ALA A 255 -25.62 10.58 -10.08
N GLN A 256 -26.26 11.68 -9.69
CA GLN A 256 -27.38 12.25 -10.39
C GLN A 256 -27.25 13.76 -10.24
N LEU A 257 -27.15 14.49 -11.36
CA LEU A 257 -27.00 15.94 -11.33
C LEU A 257 -28.26 16.63 -11.86
N GLU A 258 -29.00 17.28 -10.97
CA GLU A 258 -30.16 18.08 -11.37
C GLU A 258 -29.69 19.51 -11.65
N LEU A 259 -29.58 19.86 -12.93
CA LEU A 259 -28.99 21.15 -13.32
C LEU A 259 -29.80 22.37 -12.88
N SER A 260 -31.07 22.19 -12.51
CA SER A 260 -31.90 23.30 -12.05
C SER A 260 -31.55 23.73 -10.62
N ARG A 261 -31.10 22.80 -9.80
CA ARG A 261 -30.73 23.08 -8.39
C ARG A 261 -29.70 24.19 -8.24
N ALA A 262 -30.02 25.17 -7.40
CA ALA A 262 -29.06 26.19 -6.98
C ALA A 262 -28.06 25.56 -6.00
N GLY A 263 -26.81 25.98 -6.09
CA GLY A 263 -25.76 25.43 -5.24
C GLY A 263 -25.29 24.04 -5.65
N LEU A 264 -25.61 23.64 -6.88
CA LEU A 264 -25.02 22.44 -7.48
C LEU A 264 -23.53 22.70 -7.68
N GLU A 265 -23.21 23.92 -8.09
CA GLU A 265 -21.83 24.37 -8.27
C GLU A 265 -20.96 24.11 -7.04
N GLN A 266 -21.50 24.34 -5.85
CA GLN A 266 -20.76 24.13 -4.60
C GLN A 266 -20.60 22.65 -4.27
N GLU A 267 -21.68 21.88 -4.45
CA GLU A 267 -21.65 20.44 -4.21
C GLU A 267 -20.63 19.73 -5.11
N LEU A 268 -20.52 20.20 -6.34
CA LEU A 268 -19.59 19.61 -7.30
C LEU A 268 -18.14 19.77 -6.85
N GLU A 269 -17.80 20.94 -6.31
CA GLU A 269 -16.45 21.20 -5.82
C GLU A 269 -16.03 20.25 -4.67
N ALA A 270 -17.00 19.82 -3.87
CA ALA A 270 -16.77 18.80 -2.83
C ALA A 270 -16.55 17.40 -3.42
N GLY A 271 -16.99 17.18 -4.65
CA GLY A 271 -16.77 15.94 -5.38
C GLY A 271 -18.07 15.17 -5.50
N VAL A 272 -18.36 14.68 -6.70
CA VAL A 272 -19.57 13.89 -6.93
C VAL A 272 -19.23 12.42 -7.00
N GLY A 273 -20.04 11.60 -6.35
CA GLY A 273 -19.79 10.19 -6.33
C GLY A 273 -20.72 9.48 -5.40
N GLY A 274 -20.33 8.27 -5.00
CA GLY A 274 -21.13 7.48 -4.08
C GLY A 274 -20.81 6.01 -4.09
N ARG A 275 -21.55 5.26 -3.28
CA ARG A 275 -21.33 3.83 -3.16
C ARG A 275 -21.96 3.09 -4.31
N PHE A 276 -21.49 1.87 -4.54
CA PHE A 276 -22.07 1.00 -5.55
C PHE A 276 -21.86 -0.44 -5.15
N ARG A 277 -22.79 -1.28 -5.57
CA ARG A 277 -22.73 -2.71 -5.34
C ARG A 277 -23.36 -3.40 -6.53
N CYS A 278 -22.72 -4.48 -6.98
CA CYS A 278 -23.28 -5.30 -8.04
C CYS A 278 -22.70 -6.71 -7.93
N SER A 279 -23.26 -7.64 -8.69
CA SER A 279 -22.75 -9.01 -8.72
C SER A 279 -22.49 -9.43 -10.16
N CYS A 280 -21.36 -10.12 -10.37
CA CYS A 280 -20.93 -10.47 -11.72
C CYS A 280 -21.78 -11.58 -12.36
N TYR A 281 -21.84 -11.56 -13.69
CA TYR A 281 -22.69 -12.48 -14.44
C TYR A 281 -22.09 -13.88 -14.57
N GLY A 282 -20.77 -13.94 -14.74
CA GLY A 282 -20.09 -15.21 -14.94
C GLY A 282 -18.58 -15.11 -14.83
N SER A 283 -17.91 -16.22 -15.12
CA SER A 283 -16.46 -16.31 -14.96
C SER A 283 -15.73 -15.45 -15.97
N ALA A 284 -14.79 -14.62 -15.50
CA ALA A 284 -14.04 -13.74 -16.40
C ALA A 284 -12.85 -13.11 -15.71
N PRO A 285 -11.86 -12.64 -16.49
CA PRO A 285 -10.77 -11.84 -15.93
C PRO A 285 -11.15 -10.37 -15.89
N MET A 286 -11.45 -9.87 -14.69
CA MET A 286 -11.81 -8.49 -14.50
C MET A 286 -10.55 -7.62 -14.50
N HIS A 287 -10.53 -6.60 -15.36
CA HIS A 287 -9.41 -5.66 -15.45
C HIS A 287 -9.70 -4.31 -14.79
N GLY A 288 -10.93 -4.10 -14.38
CA GLY A 288 -11.29 -2.85 -13.70
C GLY A 288 -12.73 -2.42 -13.91
N PHE A 289 -12.92 -1.11 -13.97
CA PHE A 289 -14.24 -0.51 -14.11
C PHE A 289 -14.31 0.44 -15.29
N ALA A 290 -15.52 0.61 -15.81
CA ALA A 290 -15.82 1.65 -16.79
C ALA A 290 -16.83 2.58 -16.14
N ILE A 291 -16.67 3.87 -16.39
CA ILE A 291 -17.71 4.82 -16.04
C ILE A 291 -18.18 5.52 -17.32
N TRP A 292 -19.44 5.91 -17.31
CA TRP A 292 -20.00 6.66 -18.40
C TRP A 292 -21.17 7.47 -17.89
N PHE A 293 -21.76 8.26 -18.77
CA PHE A 293 -22.84 9.14 -18.37
C PHE A 293 -23.97 9.14 -19.37
N GLN A 294 -25.09 9.68 -18.93
CA GLN A 294 -26.14 10.08 -19.83
C GLN A 294 -26.60 11.48 -19.43
N VAL A 295 -27.29 12.14 -20.34
CA VAL A 295 -28.02 13.36 -20.03
C VAL A 295 -29.45 13.19 -20.53
N THR A 296 -30.38 13.87 -19.87
CA THR A 296 -31.80 13.70 -20.17
C THR A 296 -32.47 15.03 -20.51
N PHE A 297 -33.22 15.03 -21.60
CA PHE A 297 -34.00 16.19 -22.01
C PHE A 297 -35.43 16.04 -21.50
N PRO A 298 -36.04 17.15 -21.04
CA PRO A 298 -37.45 17.09 -20.60
C PRO A 298 -38.39 16.56 -21.68
N GLY A 299 -39.52 16.00 -21.25
CA GLY A 299 -40.43 15.29 -22.16
C GLY A 299 -41.29 16.17 -23.05
N GLY A 300 -41.66 17.35 -22.57
CA GLY A 300 -42.55 18.23 -23.30
C GLY A 300 -43.99 17.72 -23.33
N GLU A 301 -44.74 18.09 -24.37
CA GLU A 301 -46.16 17.74 -24.48
C GLU A 301 -46.38 16.23 -24.66
N SER A 302 -45.50 15.58 -25.42
CA SER A 302 -45.58 14.12 -25.61
C SER A 302 -45.17 13.35 -24.34
N GLU A 303 -44.48 14.02 -23.42
CA GLU A 303 -44.03 13.42 -22.16
C GLU A 303 -43.14 12.21 -22.40
N LYS A 304 -42.27 12.31 -23.40
CA LYS A 304 -41.26 11.30 -23.68
C LYS A 304 -39.88 11.94 -23.52
N PRO A 305 -39.30 11.86 -22.31
CA PRO A 305 -37.95 12.40 -22.11
C PRO A 305 -36.93 11.66 -22.96
N LEU A 306 -36.03 12.40 -23.60
CA LEU A 306 -35.01 11.80 -24.45
C LEU A 306 -33.70 11.67 -23.69
N VAL A 307 -33.12 10.47 -23.77
CA VAL A 307 -31.86 10.17 -23.09
C VAL A 307 -30.74 10.06 -24.13
N LEU A 308 -29.69 10.83 -23.92
CA LEU A 308 -28.46 10.69 -24.70
C LEU A 308 -27.50 9.97 -23.79
N SER A 309 -27.18 8.72 -24.15
CA SER A 309 -26.32 7.87 -23.33
C SER A 309 -24.96 7.69 -24.00
N THR A 310 -23.92 7.50 -23.18
CA THR A 310 -22.61 7.12 -23.68
C THR A 310 -22.24 5.71 -23.23
N SER A 311 -23.26 4.94 -22.89
CA SER A 311 -23.08 3.56 -22.48
C SER A 311 -22.64 2.72 -23.66
N PRO A 312 -21.86 1.65 -23.41
CA PRO A 312 -21.55 0.72 -24.49
C PRO A 312 -22.74 -0.15 -24.92
N PHE A 313 -23.88 -0.07 -24.24
CA PHE A 313 -25.10 -0.73 -24.74
C PHE A 313 -25.89 0.14 -25.72
N HIS A 314 -25.49 1.39 -25.88
CA HIS A 314 -26.15 2.32 -26.79
C HIS A 314 -25.16 2.70 -27.88
N PRO A 315 -25.63 3.35 -28.96
CA PRO A 315 -24.67 3.54 -30.05
C PRO A 315 -23.47 4.40 -29.65
N ALA A 316 -22.32 4.11 -30.25
CA ALA A 316 -21.07 4.78 -29.90
C ALA A 316 -21.14 6.29 -30.08
N THR A 317 -20.47 7.01 -29.17
CA THR A 317 -20.28 8.45 -29.27
C THR A 317 -18.79 8.77 -29.21
N HIS A 318 -18.43 10.02 -29.48
CA HIS A 318 -17.03 10.42 -29.38
C HIS A 318 -16.52 10.37 -27.93
N TRP A 319 -17.43 10.40 -26.96
CA TRP A 319 -17.05 10.32 -25.55
C TRP A 319 -16.57 8.93 -25.13
N LYS A 320 -17.09 7.89 -25.81
CA LYS A 320 -16.75 6.52 -25.47
C LYS A 320 -17.03 6.26 -23.99
N GLN A 321 -16.12 5.57 -23.31
CA GLN A 321 -16.22 5.36 -21.87
C GLN A 321 -14.86 5.66 -21.25
N ALA A 322 -14.87 5.98 -19.96
CA ALA A 322 -13.65 6.19 -19.19
C ALA A 322 -13.34 4.94 -18.40
N LEU A 323 -12.15 4.39 -18.60
CA LEU A 323 -11.77 3.10 -18.03
C LEU A 323 -10.81 3.27 -16.87
N LEU A 324 -11.10 2.57 -15.78
CA LEU A 324 -10.30 2.59 -14.57
C LEU A 324 -9.73 1.20 -14.34
N TYR A 325 -8.44 1.04 -14.64
CA TYR A 325 -7.79 -0.27 -14.55
C TYR A 325 -7.29 -0.57 -13.14
N LEU A 326 -7.51 -1.81 -12.70
CA LEU A 326 -6.87 -2.35 -11.49
C LEU A 326 -5.39 -2.51 -11.81
N ASN A 327 -4.57 -2.66 -10.77
CA ASN A 327 -3.13 -2.85 -11.00
C ASN A 327 -2.82 -4.18 -11.70
N GLU A 328 -3.70 -5.16 -11.54
CA GLU A 328 -3.59 -6.41 -12.28
C GLU A 328 -4.96 -7.08 -12.35
N PRO A 329 -5.11 -8.08 -13.25
CA PRO A 329 -6.43 -8.72 -13.41
C PRO A 329 -6.89 -9.45 -12.16
N VAL A 330 -8.21 -9.56 -12.02
CA VAL A 330 -8.80 -10.34 -10.94
C VAL A 330 -9.90 -11.22 -11.50
N GLN A 331 -9.82 -12.51 -11.20
CA GLN A 331 -10.78 -13.48 -11.70
C GLN A 331 -12.06 -13.41 -10.86
N VAL A 332 -13.19 -13.20 -11.52
CA VAL A 332 -14.48 -13.24 -10.88
C VAL A 332 -15.27 -14.44 -11.38
N GLU A 333 -16.36 -14.74 -10.69
CA GLU A 333 -17.20 -15.88 -10.99
C GLU A 333 -18.61 -15.40 -11.10
N GLN A 334 -19.53 -16.29 -11.48
CA GLN A 334 -20.94 -15.97 -11.42
C GLN A 334 -21.30 -15.60 -9.98
N ASP A 335 -21.98 -14.47 -9.82
CA ASP A 335 -22.42 -13.96 -8.51
C ASP A 335 -21.32 -13.35 -7.61
N THR A 336 -20.08 -13.26 -8.10
CA THR A 336 -19.04 -12.58 -7.36
C THR A 336 -19.49 -11.14 -7.10
N ASP A 337 -19.43 -10.74 -5.84
CA ASP A 337 -19.91 -9.44 -5.42
C ASP A 337 -18.81 -8.40 -5.57
N VAL A 338 -19.11 -7.30 -6.26
CA VAL A 338 -18.17 -6.22 -6.46
C VAL A 338 -18.81 -4.95 -5.92
N SER A 339 -18.13 -4.28 -5.00
CA SER A 339 -18.69 -3.11 -4.34
C SER A 339 -17.62 -2.07 -4.09
N GLY A 340 -18.04 -0.86 -3.72
CA GLY A 340 -17.09 0.18 -3.43
C GLY A 340 -17.66 1.57 -3.42
N GLU A 341 -16.78 2.54 -3.59
CA GLU A 341 -17.16 3.94 -3.61
C GLU A 341 -16.28 4.63 -4.62
N ILE A 342 -16.89 5.55 -5.37
CA ILE A 342 -16.17 6.31 -6.38
C ILE A 342 -16.52 7.78 -6.20
N THR A 343 -15.50 8.63 -6.27
CA THR A 343 -15.68 10.07 -6.22
C THR A 343 -14.93 10.69 -7.40
N LEU A 344 -15.62 11.59 -8.10
CA LEU A 344 -15.01 12.42 -9.14
C LEU A 344 -14.69 13.76 -8.52
N LEU A 345 -13.47 14.25 -8.78
CA LEU A 345 -12.94 15.46 -8.15
C LEU A 345 -12.16 16.30 -9.13
N PRO A 346 -12.00 17.60 -8.82
CA PRO A 346 -11.01 18.44 -9.51
C PRO A 346 -9.60 18.08 -9.05
N SER A 347 -8.65 18.02 -9.98
CA SER A 347 -7.26 17.72 -9.64
CA SER A 347 -7.28 17.71 -9.62
C SER A 347 -6.63 18.91 -8.93
N ARG A 348 -5.67 18.63 -8.05
CA ARG A 348 -4.94 19.67 -7.31
C ARG A 348 -4.31 20.69 -8.25
N ASP A 349 -3.61 20.19 -9.26
CA ASP A 349 -2.92 21.05 -10.21
C ASP A 349 -3.92 21.93 -10.98
N ASN A 350 -4.59 21.33 -11.97
CA ASN A 350 -5.61 22.01 -12.76
C ASN A 350 -6.98 21.47 -12.34
N PRO A 351 -7.86 22.33 -11.80
CA PRO A 351 -9.16 21.82 -11.34
C PRO A 351 -10.14 21.47 -12.49
N ARG A 352 -9.87 21.94 -13.70
CA ARG A 352 -10.64 21.53 -14.89
C ARG A 352 -10.28 20.11 -15.37
N ARG A 353 -9.17 19.57 -14.85
CA ARG A 353 -8.73 18.21 -15.10
C ARG A 353 -9.38 17.25 -14.10
N LEU A 354 -9.79 16.08 -14.57
CA LEU A 354 -10.59 15.15 -13.77
C LEU A 354 -9.71 14.19 -12.98
N ARG A 355 -10.05 14.04 -11.71
CA ARG A 355 -9.39 13.10 -10.82
C ARG A 355 -10.48 12.15 -10.32
N VAL A 356 -10.12 10.89 -10.11
CA VAL A 356 -11.05 9.90 -9.56
C VAL A 356 -10.44 9.16 -8.38
N LEU A 357 -11.10 9.19 -7.23
CA LEU A 357 -10.77 8.33 -6.10
C LEU A 357 -11.66 7.11 -6.18
N LEU A 358 -11.05 5.93 -6.21
CA LEU A 358 -11.78 4.69 -6.23
C LEU A 358 -11.42 3.86 -5.00
N ARG A 359 -12.46 3.38 -4.31
CA ARG A 359 -12.33 2.43 -3.22
C ARG A 359 -13.15 1.24 -3.67
N TYR A 360 -12.59 0.04 -3.64
CA TYR A 360 -13.33 -1.11 -4.17
C TYR A 360 -12.97 -2.44 -3.48
N LYS A 361 -13.85 -3.42 -3.68
CA LYS A 361 -13.69 -4.75 -3.10
C LYS A 361 -14.29 -5.78 -4.06
N VAL A 362 -13.47 -6.73 -4.49
CA VAL A 362 -13.90 -7.76 -5.42
C VAL A 362 -13.97 -9.10 -4.70
N GLY A 363 -15.18 -9.57 -4.43
CA GLY A 363 -15.37 -10.91 -3.83
C GLY A 363 -14.67 -11.08 -2.50
N ASP A 364 -13.83 -12.11 -2.40
N ASP A 364 -13.83 -12.11 -2.38
CA ASP A 364 -13.10 -12.45 -1.17
CA ASP A 364 -13.13 -12.41 -1.12
C ASP A 364 -11.83 -11.63 -0.96
C ASP A 364 -11.79 -11.67 -0.98
N GLN A 365 -11.42 -10.86 -1.97
CA GLN A 365 -10.20 -10.05 -1.89
C GLN A 365 -10.38 -8.91 -0.88
N GLU A 366 -9.27 -8.43 -0.33
CA GLU A 366 -9.30 -7.32 0.62
C GLU A 366 -9.80 -6.06 -0.08
N GLU A 367 -10.20 -5.07 0.71
CA GLU A 367 -10.59 -3.77 0.17
C GLU A 367 -9.37 -3.06 -0.40
N LYS A 368 -9.54 -2.38 -1.53
CA LYS A 368 -8.43 -1.69 -2.17
C LYS A 368 -8.81 -0.27 -2.59
N THR A 369 -7.80 0.52 -2.90
CA THR A 369 -7.99 1.89 -3.34
C THR A 369 -7.05 2.20 -4.50
N LYS A 370 -7.46 3.14 -5.33
CA LYS A 370 -6.60 3.63 -6.40
C LYS A 370 -7.03 5.05 -6.80
N ASP A 371 -6.04 5.93 -6.96
CA ASP A 371 -6.27 7.30 -7.45
C ASP A 371 -5.94 7.34 -8.94
N PHE A 372 -6.80 7.97 -9.72
CA PHE A 372 -6.59 8.11 -11.15
C PHE A 372 -6.68 9.59 -11.54
N ALA A 373 -6.17 9.92 -12.72
CA ALA A 373 -6.37 11.24 -13.29
C ALA A 373 -6.30 11.17 -14.80
N MET A 374 -7.03 12.06 -15.46
CA MET A 374 -7.02 12.15 -16.91
C MET A 374 -5.74 12.83 -17.35
N GLU A 375 -5.14 12.33 -18.44
CA GLU A 375 -3.90 12.89 -18.99
C GLU A 375 -4.19 14.17 -19.77
N ASP A 376 -4.10 15.31 -19.08
CA ASP A 376 -4.37 16.62 -19.67
C ASP A 376 -3.12 17.49 -19.70
N TYR B 48 27.10 18.78 -27.83
CA TYR B 48 25.72 18.53 -27.31
C TYR B 48 24.79 19.70 -27.63
N TYR B 49 23.57 19.40 -28.10
CA TYR B 49 22.54 20.42 -28.29
C TYR B 49 22.05 20.90 -26.93
N GLU B 50 21.74 22.19 -26.84
CA GLU B 50 21.25 22.80 -25.61
C GLU B 50 22.14 22.45 -24.40
N CYS B 51 23.45 22.49 -24.60
CA CYS B 51 24.41 22.17 -23.53
C CYS B 51 24.66 23.34 -22.58
N TYR B 52 24.02 24.50 -22.83
CA TYR B 52 24.08 25.61 -21.88
C TYR B 52 23.39 25.24 -20.57
N SER B 53 22.44 24.31 -20.66
CA SER B 53 21.78 23.76 -19.49
C SER B 53 22.77 23.02 -18.59
N ASP B 54 23.62 22.19 -19.20
CA ASP B 54 24.65 21.45 -18.47
C ASP B 54 25.67 22.40 -17.85
N VAL B 55 26.03 23.46 -18.58
CA VAL B 55 26.96 24.47 -18.07
C VAL B 55 26.38 25.21 -16.87
N SER B 56 25.10 25.55 -16.93
CA SER B 56 24.44 26.27 -15.83
C SER B 56 24.35 25.42 -14.56
N VAL B 57 23.97 24.15 -14.71
CA VAL B 57 23.89 23.24 -13.56
C VAL B 57 25.21 23.21 -12.79
N HIS B 58 26.31 23.02 -13.51
CA HIS B 58 27.61 22.79 -12.88
C HIS B 58 28.30 24.07 -12.46
N GLU B 59 27.96 25.17 -13.12
CA GLU B 59 28.36 26.48 -12.67
C GLU B 59 27.72 26.78 -11.31
N GLU B 60 26.41 26.59 -11.23
CA GLU B 60 25.66 26.76 -10.00
C GLU B 60 26.18 25.85 -8.90
N MET B 61 26.46 24.61 -9.27
CA MET B 61 26.89 23.60 -8.31
C MET B 61 28.26 23.99 -7.71
N ILE B 62 29.20 24.38 -8.56
CA ILE B 62 30.54 24.72 -8.07
C ILE B 62 30.57 26.11 -7.41
N ALA B 63 29.82 27.06 -7.95
CA ALA B 63 29.72 28.40 -7.35
C ALA B 63 29.07 28.38 -5.96
N ASP B 64 28.27 27.36 -5.70
CA ASP B 64 27.76 27.11 -4.36
C ASP B 64 28.92 26.65 -3.47
N ARG B 65 29.68 27.60 -2.95
CA ARG B 65 30.91 27.30 -2.22
C ARG B 65 30.65 26.52 -0.94
N VAL B 66 29.54 26.81 -0.29
CA VAL B 66 29.21 26.15 0.96
C VAL B 66 29.09 24.64 0.72
N ARG B 67 28.34 24.28 -0.32
CA ARG B 67 28.17 22.88 -0.72
C ARG B 67 29.51 22.26 -1.06
N THR B 68 30.24 22.93 -1.95
CA THR B 68 31.45 22.38 -2.50
C THR B 68 32.52 22.22 -1.43
N ASP B 69 32.69 23.22 -0.58
CA ASP B 69 33.65 23.12 0.53
C ASP B 69 33.23 22.10 1.60
N ALA B 70 31.92 21.90 1.79
CA ALA B 70 31.45 20.90 2.75
C ALA B 70 31.90 19.51 2.31
N TYR B 71 31.69 19.18 1.04
CA TYR B 71 32.15 17.90 0.49
C TYR B 71 33.67 17.77 0.57
N ARG B 72 34.37 18.86 0.31
CA ARG B 72 35.82 18.86 0.33
C ARG B 72 36.36 18.55 1.71
N LEU B 73 35.93 19.32 2.71
CA LEU B 73 36.33 19.06 4.09
C LEU B 73 35.78 17.73 4.60
N GLY B 74 34.56 17.39 4.22
CA GLY B 74 33.97 16.10 4.59
C GLY B 74 34.82 14.95 4.12
N ILE B 75 35.35 15.07 2.90
CA ILE B 75 36.22 14.06 2.30
C ILE B 75 37.61 14.07 2.94
N LEU B 76 38.18 15.26 3.11
CA LEU B 76 39.54 15.37 3.66
C LEU B 76 39.66 14.81 5.07
N ARG B 77 38.67 15.03 5.92
CA ARG B 77 38.80 14.56 7.29
C ARG B 77 38.45 13.08 7.47
N ASN B 78 38.07 12.42 6.38
CA ASN B 78 38.02 10.96 6.31
C ASN B 78 39.25 10.40 5.56
N TRP B 79 40.40 11.07 5.68
CA TRP B 79 41.63 10.65 5.02
C TRP B 79 42.09 9.25 5.41
N ALA B 80 41.91 8.89 6.68
CA ALA B 80 42.34 7.59 7.21
C ALA B 80 41.54 6.45 6.60
N ALA B 81 40.24 6.68 6.39
CA ALA B 81 39.39 5.68 5.74
C ALA B 81 39.58 5.62 4.22
N LEU B 82 40.13 6.67 3.62
CA LEU B 82 40.23 6.79 2.15
C LEU B 82 41.63 6.59 1.58
N ARG B 83 42.66 6.70 2.40
CA ARG B 83 44.04 6.58 1.92
C ARG B 83 44.32 5.18 1.37
N GLY B 84 44.65 5.11 0.09
CA GLY B 84 44.96 3.84 -0.57
C GLY B 84 43.75 2.99 -0.93
N LYS B 85 42.55 3.55 -0.71
CA LYS B 85 41.31 2.83 -0.92
C LYS B 85 40.66 3.23 -2.23
N THR B 86 39.50 2.65 -2.51
CA THR B 86 38.79 2.92 -3.76
C THR B 86 37.45 3.61 -3.50
N VAL B 87 37.11 4.53 -4.40
CA VAL B 87 35.93 5.36 -4.24
C VAL B 87 35.09 5.34 -5.51
N LEU B 88 33.78 5.24 -5.32
CA LEU B 88 32.81 5.43 -6.40
C LEU B 88 32.17 6.81 -6.22
N ASP B 89 32.26 7.65 -7.25
CA ASP B 89 31.60 8.96 -7.24
C ASP B 89 30.34 8.86 -8.11
N VAL B 90 29.18 8.83 -7.48
CA VAL B 90 27.91 8.68 -8.18
C VAL B 90 27.44 10.03 -8.73
N GLY B 91 27.52 10.19 -10.05
CA GLY B 91 27.13 11.45 -10.69
C GLY B 91 28.23 12.47 -10.54
N ALA B 92 29.38 12.17 -11.12
CA ALA B 92 30.60 12.97 -10.89
C ALA B 92 30.57 14.34 -11.53
N GLY B 93 29.74 14.54 -12.55
CA GLY B 93 29.58 15.85 -13.18
C GLY B 93 30.85 16.33 -13.84
N THR B 94 31.41 17.43 -13.34
CA THR B 94 32.72 17.92 -13.79
C THR B 94 33.89 17.16 -13.14
N GLY B 95 33.59 16.29 -12.18
CA GLY B 95 34.58 15.43 -11.54
C GLY B 95 35.25 16.05 -10.33
N ILE B 96 34.76 17.19 -9.86
CA ILE B 96 35.41 17.91 -8.76
C ILE B 96 35.51 17.09 -7.46
N LEU B 97 34.46 16.37 -7.10
CA LEU B 97 34.46 15.57 -5.87
C LEU B 97 35.42 14.37 -5.97
N SER B 98 35.50 13.77 -7.15
CA SER B 98 36.42 12.66 -7.38
C SER B 98 37.87 13.12 -7.17
N ILE B 99 38.17 14.35 -7.58
CA ILE B 99 39.51 14.91 -7.43
C ILE B 99 39.82 15.24 -5.97
N PHE B 100 38.83 15.71 -5.23
CA PHE B 100 38.97 15.87 -3.77
C PHE B 100 39.34 14.55 -3.09
N CYS B 101 38.75 13.44 -3.53
CA CYS B 101 39.06 12.13 -2.98
C CYS B 101 40.52 11.73 -3.28
N ALA B 102 41.00 12.07 -4.49
CA ALA B 102 42.40 11.86 -4.85
C ALA B 102 43.27 12.72 -3.95
N GLN B 103 42.92 14.00 -3.81
CA GLN B 103 43.62 14.90 -2.88
C GLN B 103 43.71 14.29 -1.47
N ALA B 104 42.66 13.59 -1.05
CA ALA B 104 42.61 12.95 0.27
C ALA B 104 43.35 11.60 0.36
N GLY B 105 43.91 11.13 -0.76
CA GLY B 105 44.75 9.93 -0.77
C GLY B 105 44.13 8.64 -1.28
N ALA B 106 42.99 8.73 -1.97
CA ALA B 106 42.39 7.55 -2.61
C ALA B 106 43.31 7.05 -3.72
N ARG B 107 43.39 5.73 -3.86
N ARG B 107 43.42 5.74 -3.88
CA ARG B 107 44.25 5.12 -4.88
CA ARG B 107 44.29 5.20 -4.94
C ARG B 107 43.56 5.12 -6.24
C ARG B 107 43.57 5.10 -6.28
N ARG B 108 42.27 4.81 -6.24
CA ARG B 108 41.48 4.73 -7.46
C ARG B 108 40.11 5.34 -7.17
N VAL B 109 39.66 6.23 -8.05
CA VAL B 109 38.30 6.79 -7.97
C VAL B 109 37.57 6.54 -9.28
N TYR B 110 36.38 5.96 -9.18
CA TYR B 110 35.54 5.75 -10.36
C TYR B 110 34.46 6.82 -10.43
N ALA B 111 34.64 7.76 -11.35
CA ALA B 111 33.70 8.86 -11.55
C ALA B 111 32.64 8.47 -12.56
N VAL B 112 31.46 8.13 -12.08
CA VAL B 112 30.36 7.70 -12.94
C VAL B 112 29.38 8.85 -13.22
N GLU B 113 29.21 9.18 -14.51
CA GLU B 113 28.38 10.32 -14.95
C GLU B 113 27.53 9.97 -16.18
N ALA B 114 26.21 10.13 -16.05
CA ALA B 114 25.25 9.76 -17.10
C ALA B 114 25.16 10.78 -18.24
N SER B 115 25.12 12.07 -17.91
CA SER B 115 25.03 13.14 -18.89
C SER B 115 26.31 13.28 -19.70
N ALA B 116 26.23 13.99 -20.82
CA ALA B 116 27.36 14.20 -21.72
C ALA B 116 28.46 15.10 -21.13
N ILE B 117 28.20 15.67 -19.95
CA ILE B 117 29.22 16.38 -19.20
C ILE B 117 30.42 15.51 -18.85
N TRP B 118 30.25 14.18 -18.85
CA TRP B 118 31.35 13.25 -18.57
C TRP B 118 32.62 13.52 -19.38
N GLN B 119 32.48 13.99 -20.62
CA GLN B 119 33.64 14.31 -21.46
C GLN B 119 34.45 15.48 -20.92
N GLN B 120 33.78 16.41 -20.24
CA GLN B 120 34.47 17.56 -19.65
C GLN B 120 35.12 17.15 -18.32
N ALA B 121 34.47 16.23 -17.61
CA ALA B 121 35.05 15.62 -16.42
C ALA B 121 36.34 14.88 -16.74
N ARG B 122 36.35 14.18 -17.88
N ARG B 122 36.39 14.19 -17.88
CA ARG B 122 37.54 13.51 -18.41
CA ARG B 122 37.61 13.49 -18.30
C ARG B 122 38.64 14.50 -18.72
C ARG B 122 38.67 14.50 -18.74
N GLU B 123 38.25 15.62 -19.34
CA GLU B 123 39.19 16.67 -19.70
C GLU B 123 39.80 17.31 -18.45
N VAL B 124 38.99 17.52 -17.42
CA VAL B 124 39.46 18.13 -16.16
C VAL B 124 40.41 17.20 -15.41
N VAL B 125 40.08 15.91 -15.36
CA VAL B 125 40.92 14.91 -14.70
C VAL B 125 42.30 14.84 -15.38
N ARG B 126 42.29 14.80 -16.72
CA ARG B 126 43.53 14.78 -17.51
C ARG B 126 44.30 16.08 -17.36
N PHE B 127 43.57 17.20 -17.35
CA PHE B 127 44.17 18.53 -17.23
C PHE B 127 44.85 18.75 -15.88
N ASN B 128 44.37 18.05 -14.85
CA ASN B 128 44.99 18.10 -13.51
C ASN B 128 45.89 16.91 -13.22
N GLY B 129 46.17 16.09 -14.25
CA GLY B 129 47.15 15.00 -14.17
C GLY B 129 46.78 13.84 -13.27
N LEU B 130 45.49 13.53 -13.16
CA LEU B 130 45.04 12.47 -12.26
C LEU B 130 44.39 11.30 -13.00
N GLU B 131 44.69 11.16 -14.29
CA GLU B 131 44.08 10.09 -15.12
C GLU B 131 44.47 8.67 -14.68
N ASP B 132 45.59 8.54 -13.96
CA ASP B 132 46.02 7.24 -13.42
C ASP B 132 45.27 6.86 -12.15
N ARG B 133 44.78 7.85 -11.41
CA ARG B 133 44.03 7.60 -10.17
C ARG B 133 42.50 7.79 -10.30
N VAL B 134 42.06 8.67 -11.20
CA VAL B 134 40.63 8.91 -11.40
C VAL B 134 40.20 8.47 -12.80
N HIS B 135 39.25 7.54 -12.87
CA HIS B 135 38.77 7.02 -14.15
C HIS B 135 37.31 7.43 -14.36
N VAL B 136 37.07 8.26 -15.38
CA VAL B 136 35.72 8.71 -15.69
C VAL B 136 35.00 7.66 -16.51
N LEU B 137 33.94 7.08 -15.93
CA LEU B 137 33.12 6.08 -16.60
C LEU B 137 31.77 6.66 -17.01
N PRO B 138 31.54 6.79 -18.33
CA PRO B 138 30.24 7.29 -18.79
C PRO B 138 29.09 6.30 -18.63
N GLY B 139 27.88 6.85 -18.44
CA GLY B 139 26.65 6.06 -18.36
C GLY B 139 26.00 6.17 -17.00
N PRO B 140 24.76 5.66 -16.86
CA PRO B 140 24.08 5.60 -15.56
C PRO B 140 24.79 4.71 -14.57
N VAL B 141 24.72 5.07 -13.29
CA VAL B 141 25.37 4.28 -12.25
C VAL B 141 24.68 2.92 -12.07
N GLU B 142 23.43 2.84 -12.52
CA GLU B 142 22.67 1.60 -12.45
C GLU B 142 23.17 0.56 -13.46
N THR B 143 23.69 1.01 -14.61
CA THR B 143 24.14 0.11 -15.67
C THR B 143 25.67 -0.01 -15.80
N VAL B 144 26.43 0.89 -15.18
CA VAL B 144 27.89 0.93 -15.35
C VAL B 144 28.53 -0.33 -14.78
N GLU B 145 29.66 -0.73 -15.37
CA GLU B 145 30.41 -1.90 -14.92
C GLU B 145 31.76 -1.47 -14.34
N LEU B 146 31.89 -1.59 -13.02
CA LEU B 146 33.16 -1.34 -12.35
C LEU B 146 33.97 -2.63 -12.34
N PRO B 147 35.32 -2.50 -12.36
CA PRO B 147 36.16 -3.70 -12.28
C PRO B 147 36.19 -4.35 -10.90
N GLU B 148 35.55 -3.72 -9.90
CA GLU B 148 35.62 -4.18 -8.52
C GLU B 148 34.62 -3.44 -7.62
N GLN B 149 34.40 -3.98 -6.43
CA GLN B 149 33.68 -3.27 -5.38
C GLN B 149 34.57 -2.18 -4.79
N VAL B 150 33.96 -1.23 -4.09
CA VAL B 150 34.68 -0.08 -3.54
C VAL B 150 34.59 0.03 -2.02
N ASP B 151 35.52 0.78 -1.45
CA ASP B 151 35.59 1.03 -0.01
C ASP B 151 34.71 2.21 0.40
N ALA B 152 34.41 3.10 -0.54
CA ALA B 152 33.62 4.28 -0.22
C ALA B 152 32.79 4.75 -1.40
N ILE B 153 31.69 5.41 -1.06
CA ILE B 153 30.88 6.14 -2.03
C ILE B 153 30.83 7.60 -1.62
N VAL B 154 31.00 8.48 -2.61
CA VAL B 154 30.71 9.89 -2.45
C VAL B 154 29.67 10.29 -3.50
N SER B 155 28.74 11.17 -3.14
CA SER B 155 27.71 11.61 -4.07
C SER B 155 27.06 12.93 -3.66
N GLU B 156 26.93 13.82 -4.64
CA GLU B 156 26.07 15.00 -4.54
C GLU B 156 24.70 14.62 -5.09
N TRP B 157 23.81 14.16 -4.21
CA TRP B 157 22.53 13.58 -4.65
C TRP B 157 21.27 14.38 -4.26
N MET B 158 21.43 15.36 -3.38
CA MET B 158 20.27 16.04 -2.76
C MET B 158 19.55 16.98 -3.72
N GLY B 159 18.23 16.87 -3.76
CA GLY B 159 17.40 17.77 -4.56
C GLY B 159 16.75 18.85 -3.72
N TYR B 160 15.94 19.69 -4.37
CA TYR B 160 15.13 20.69 -3.66
C TYR B 160 14.19 19.95 -2.72
N GLY B 161 13.98 20.50 -1.53
CA GLY B 161 13.22 19.82 -0.48
C GLY B 161 13.82 18.47 -0.14
N LEU B 162 15.13 18.35 -0.36
CA LEU B 162 15.88 17.08 -0.27
C LEU B 162 15.54 16.06 -1.35
N LEU B 163 14.26 15.72 -1.50
CA LEU B 163 13.85 14.57 -2.31
C LEU B 163 13.15 14.87 -3.64
N HIS B 164 13.11 16.14 -4.06
CA HIS B 164 12.57 16.47 -5.38
C HIS B 164 13.62 16.20 -6.46
N GLU B 165 13.31 15.32 -7.40
CA GLU B 165 14.22 14.99 -8.51
C GLU B 165 15.66 14.76 -8.05
N SER B 166 15.80 13.91 -7.04
CA SER B 166 17.10 13.59 -6.43
C SER B 166 17.70 12.31 -7.00
N MET B 167 18.98 12.07 -6.66
CA MET B 167 19.71 10.84 -7.04
C MET B 167 19.72 9.78 -5.93
N LEU B 168 18.89 9.93 -4.90
CA LEU B 168 18.99 9.04 -3.74
C LEU B 168 18.90 7.55 -4.09
N SER B 169 18.00 7.20 -5.01
CA SER B 169 17.81 5.79 -5.37
C SER B 169 19.00 5.24 -6.13
N SER B 170 19.57 6.05 -7.01
CA SER B 170 20.81 5.71 -7.70
C SER B 170 21.92 5.43 -6.68
N VAL B 171 21.96 6.23 -5.61
CA VAL B 171 22.97 6.08 -4.55
C VAL B 171 22.75 4.81 -3.72
N LEU B 172 21.50 4.53 -3.36
CA LEU B 172 21.19 3.33 -2.58
C LEU B 172 21.34 2.06 -3.42
N HIS B 173 21.03 2.18 -4.71
CA HIS B 173 21.24 1.10 -5.65
C HIS B 173 22.73 0.77 -5.75
N ALA B 174 23.54 1.80 -5.95
CA ALA B 174 24.99 1.66 -6.08
C ALA B 174 25.66 1.24 -4.77
N ARG B 175 25.06 1.59 -3.64
CA ARG B 175 25.53 1.10 -2.34
C ARG B 175 25.44 -0.42 -2.33
N THR B 176 24.22 -0.91 -2.56
CA THR B 176 23.94 -2.35 -2.57
C THR B 176 24.83 -3.09 -3.56
N LYS B 177 24.97 -2.56 -4.75
CA LYS B 177 25.68 -3.26 -5.81
C LYS B 177 27.21 -3.23 -5.67
N TRP B 178 27.76 -2.10 -5.23
CA TRP B 178 29.20 -1.86 -5.35
C TRP B 178 29.98 -1.56 -4.05
N LEU B 179 29.31 -1.04 -3.03
CA LEU B 179 29.99 -0.71 -1.78
C LEU B 179 30.19 -1.97 -0.95
N LYS B 180 31.37 -2.09 -0.34
CA LYS B 180 31.66 -3.22 0.54
C LYS B 180 30.90 -3.08 1.83
N GLU B 181 30.70 -4.20 2.52
CA GLU B 181 30.04 -4.18 3.82
C GLU B 181 30.88 -3.36 4.79
N GLY B 182 30.21 -2.54 5.60
CA GLY B 182 30.90 -1.59 6.46
C GLY B 182 31.57 -0.47 5.69
N GLY B 183 31.21 -0.29 4.42
CA GLY B 183 31.82 0.74 3.58
C GLY B 183 31.44 2.14 4.01
N LEU B 184 32.18 3.12 3.51
CA LEU B 184 32.02 4.52 3.89
C LEU B 184 31.08 5.25 2.92
N LEU B 185 30.09 5.95 3.49
CA LEU B 185 29.14 6.75 2.72
C LEU B 185 29.36 8.23 3.03
N LEU B 186 29.56 9.04 1.99
CA LEU B 186 29.81 10.48 2.16
C LEU B 186 28.83 11.29 1.30
N PRO B 187 27.88 12.00 1.90
CA PRO B 187 27.58 11.95 3.34
C PRO B 187 26.90 10.66 3.73
N ALA B 188 26.80 10.44 5.04
CA ALA B 188 26.27 9.19 5.60
C ALA B 188 24.79 9.24 5.96
N SER B 189 24.29 10.43 6.33
CA SER B 189 22.90 10.61 6.71
C SER B 189 22.32 11.93 6.21
N ALA B 190 21.01 12.08 6.38
CA ALA B 190 20.32 13.31 6.08
C ALA B 190 19.27 13.53 7.14
N GLU B 191 18.98 14.79 7.42
N GLU B 191 19.02 14.79 7.48
CA GLU B 191 18.02 15.15 8.44
CA GLU B 191 17.98 15.16 8.44
C GLU B 191 17.10 16.25 7.87
C GLU B 191 17.08 16.20 7.80
N LEU B 192 15.80 16.15 8.14
CA LEU B 192 14.78 17.07 7.60
C LEU B 192 14.14 17.87 8.72
N PHE B 193 13.98 19.17 8.49
CA PHE B 193 13.49 20.12 9.49
C PHE B 193 12.31 20.93 8.96
N ILE B 194 11.47 21.37 9.89
CA ILE B 194 10.31 22.22 9.59
C ILE B 194 10.14 23.27 10.69
N VAL B 195 9.67 24.45 10.29
CA VAL B 195 9.45 25.55 11.23
C VAL B 195 8.41 26.51 10.67
N PRO B 196 7.58 27.11 11.53
CA PRO B 196 6.71 28.17 11.02
C PRO B 196 7.49 29.43 10.67
N ILE B 197 7.05 30.13 9.64
CA ILE B 197 7.74 31.33 9.18
C ILE B 197 6.81 32.52 8.92
N SER B 198 7.38 33.71 8.99
CA SER B 198 6.76 34.91 8.45
C SER B 198 7.64 35.41 7.30
N ASP B 199 7.24 35.09 6.07
CA ASP B 199 7.96 35.46 4.85
C ASP B 199 7.89 36.94 4.53
N GLN B 200 8.96 37.64 4.89
CA GLN B 200 9.14 39.08 4.71
C GLN B 200 8.94 39.53 3.26
N MET B 201 9.42 38.73 2.31
CA MET B 201 9.31 39.05 0.89
C MET B 201 7.85 39.04 0.43
N LEU B 202 7.10 38.05 0.89
CA LEU B 202 5.67 37.96 0.61
C LEU B 202 4.92 39.15 1.19
N GLU B 203 5.29 39.58 2.41
CA GLU B 203 4.69 40.77 3.05
C GLU B 203 4.85 42.04 2.21
N TRP B 204 6.05 42.24 1.68
CA TRP B 204 6.34 43.37 0.81
C TRP B 204 5.50 43.30 -0.47
N ARG B 205 5.39 42.10 -1.06
CA ARG B 205 4.57 41.92 -2.26
C ARG B 205 3.09 42.21 -1.99
N LEU B 206 2.58 41.76 -0.85
CA LEU B 206 1.19 41.98 -0.50
C LEU B 206 0.91 43.43 -0.13
N GLY B 207 1.88 44.09 0.51
CA GLY B 207 1.74 45.49 0.92
C GLY B 207 1.90 46.50 -0.20
N PHE B 208 2.42 46.02 -1.33
CA PHE B 208 2.63 46.81 -2.54
C PHE B 208 1.39 47.57 -2.97
N TRP B 209 0.28 46.84 -3.04
CA TRP B 209 -0.96 47.37 -3.59
C TRP B 209 -1.50 48.55 -2.79
N SER B 210 -1.27 48.53 -1.49
CA SER B 210 -1.71 49.61 -0.61
C SER B 210 -0.86 50.87 -0.71
N GLN B 211 0.27 50.80 -1.42
CA GLN B 211 1.17 51.95 -1.57
C GLN B 211 1.15 52.59 -2.96
N VAL B 212 0.41 52.01 -3.89
CA VAL B 212 0.29 52.53 -5.25
C VAL B 212 -0.17 53.99 -5.20
N LYS B 213 -1.16 54.27 -4.36
CA LYS B 213 -1.71 55.62 -4.19
C LYS B 213 -0.65 56.72 -4.01
N GLN B 214 0.41 56.41 -3.27
CA GLN B 214 1.38 57.43 -2.84
C GLN B 214 1.99 58.20 -4.01
N HIS B 215 2.42 57.47 -5.03
CA HIS B 215 3.08 58.07 -6.17
C HIS B 215 2.15 58.28 -7.37
N TYR B 216 1.07 57.50 -7.46
CA TYR B 216 0.20 57.51 -8.64
C TYR B 216 -1.18 58.16 -8.44
N GLY B 217 -1.60 58.30 -7.19
CA GLY B 217 -2.90 58.87 -6.88
C GLY B 217 -4.07 57.97 -7.26
N VAL B 218 -3.78 56.70 -7.52
CA VAL B 218 -4.79 55.68 -7.74
C VAL B 218 -4.65 54.72 -6.56
N ASP B 219 -5.70 54.62 -5.75
CA ASP B 219 -5.67 53.74 -4.58
C ASP B 219 -6.03 52.32 -5.02
N MET B 220 -5.16 51.36 -4.71
CA MET B 220 -5.38 49.95 -5.03
C MET B 220 -5.30 49.07 -3.79
N SER B 221 -5.51 49.66 -2.61
CA SER B 221 -5.62 48.92 -1.37
C SER B 221 -6.69 47.82 -1.43
N CYS B 222 -7.69 48.01 -2.28
CA CYS B 222 -8.74 47.02 -2.46
C CYS B 222 -8.28 45.71 -3.07
N LEU B 223 -7.09 45.68 -3.69
CA LEU B 223 -6.56 44.45 -4.29
C LEU B 223 -5.76 43.59 -3.33
N GLU B 224 -5.50 44.08 -2.12
CA GLU B 224 -4.71 43.33 -1.15
C GLU B 224 -5.28 41.94 -0.87
N GLY B 225 -6.59 41.85 -0.69
CA GLY B 225 -7.26 40.57 -0.46
C GLY B 225 -7.12 39.60 -1.61
N PHE B 226 -7.35 40.09 -2.82
CA PHE B 226 -7.19 39.29 -4.04
C PHE B 226 -5.73 38.81 -4.22
N ALA B 227 -4.78 39.72 -4.02
CA ALA B 227 -3.36 39.38 -4.10
C ALA B 227 -2.99 38.33 -3.06
N THR B 228 -3.45 38.54 -1.82
CA THR B 228 -3.19 37.62 -0.72
C THR B 228 -3.70 36.22 -1.01
N ARG B 229 -4.93 36.12 -1.49
CA ARG B 229 -5.53 34.82 -1.77
C ARG B 229 -4.85 34.12 -2.95
N CYS B 230 -4.46 34.88 -3.96
CA CYS B 230 -3.81 34.31 -5.14
C CYS B 230 -2.38 33.85 -4.89
N LEU B 231 -1.59 34.65 -4.18
CA LEU B 231 -0.20 34.29 -3.89
C LEU B 231 -0.07 33.22 -2.80
N MET B 232 -1.13 32.99 -2.02
CA MET B 232 -1.09 32.00 -0.93
C MET B 232 -1.99 30.78 -1.14
N GLY B 233 -3.04 30.92 -1.94
CA GLY B 233 -4.06 29.88 -2.06
C GLY B 233 -3.70 28.70 -2.95
N HIS B 234 -2.71 28.89 -3.82
CA HIS B 234 -2.15 27.81 -4.64
C HIS B 234 -1.60 26.64 -3.81
N SER B 235 -1.36 25.51 -4.48
N SER B 235 -1.35 25.52 -4.49
CA SER B 235 -0.86 24.30 -3.84
CA SER B 235 -0.88 24.29 -3.88
C SER B 235 0.52 23.91 -4.36
C SER B 235 0.53 23.90 -4.36
N GLU B 236 1.38 24.91 -4.55
CA GLU B 236 2.71 24.69 -5.09
C GLU B 236 3.78 24.98 -4.06
N ILE B 237 4.79 24.11 -4.02
CA ILE B 237 5.92 24.28 -3.13
C ILE B 237 6.79 25.36 -3.74
N VAL B 238 7.05 26.42 -2.98
CA VAL B 238 7.83 27.55 -3.47
C VAL B 238 9.26 27.48 -2.95
N VAL B 239 10.23 27.35 -3.85
CA VAL B 239 11.64 27.36 -3.46
C VAL B 239 12.09 28.81 -3.35
N GLN B 240 12.43 29.25 -2.14
CA GLN B 240 12.91 30.61 -1.93
C GLN B 240 13.84 30.69 -0.72
N GLY B 241 14.83 31.58 -0.79
CA GLY B 241 15.72 31.84 0.33
C GLY B 241 15.13 32.79 1.34
N LEU B 242 14.93 32.32 2.57
CA LEU B 242 14.48 33.16 3.66
C LEU B 242 15.67 33.74 4.37
N SER B 243 15.45 34.84 5.08
CA SER B 243 16.43 35.33 6.03
C SER B 243 16.08 34.71 7.38
N GLY B 244 17.06 34.63 8.27
CA GLY B 244 16.88 33.97 9.55
C GLY B 244 15.75 34.52 10.42
N GLU B 245 15.55 35.83 10.37
CA GLU B 245 14.49 36.46 11.16
C GLU B 245 13.05 36.12 10.70
N ASP B 246 12.90 35.48 9.54
CA ASP B 246 11.60 34.99 9.09
C ASP B 246 11.11 33.80 9.92
N VAL B 247 12.01 33.19 10.69
CA VAL B 247 11.71 31.97 11.43
C VAL B 247 11.05 32.31 12.77
N LEU B 248 9.90 31.71 13.03
CA LEU B 248 9.06 32.09 14.17
C LEU B 248 9.20 31.18 15.39
N ALA B 249 9.92 30.08 15.26
CA ALA B 249 10.10 29.16 16.37
C ALA B 249 11.39 28.36 16.20
N ARG B 250 11.71 27.56 17.21
CA ARG B 250 12.85 26.66 17.14
C ARG B 250 12.54 25.58 16.10
N PRO B 251 13.40 25.46 15.06
CA PRO B 251 13.18 24.44 14.05
C PRO B 251 13.11 23.01 14.63
N GLN B 252 12.19 22.22 14.09
CA GLN B 252 11.95 20.87 14.57
C GLN B 252 12.35 19.86 13.52
N ARG B 253 13.11 18.85 13.94
CA ARG B 253 13.49 17.78 13.04
C ARG B 253 12.34 16.80 12.93
N PHE B 254 11.92 16.44 11.72
CA PHE B 254 10.80 15.50 11.55
C PHE B 254 11.15 14.16 10.87
N ALA B 255 12.36 14.04 10.34
CA ALA B 255 12.80 12.79 9.75
C ALA B 255 14.32 12.72 9.69
N GLN B 256 14.81 11.49 9.64
CA GLN B 256 16.22 11.18 9.74
C GLN B 256 16.45 10.00 8.81
N LEU B 257 17.34 10.16 7.83
CA LEU B 257 17.66 9.09 6.89
C LEU B 257 19.07 8.57 7.12
N GLU B 258 19.17 7.31 7.54
CA GLU B 258 20.45 6.64 7.68
C GLU B 258 20.72 5.92 6.37
N LEU B 259 21.66 6.42 5.56
CA LEU B 259 21.85 5.90 4.20
C LEU B 259 22.47 4.51 4.14
N SER B 260 23.09 4.05 5.23
CA SER B 260 23.65 2.70 5.31
C SER B 260 22.58 1.64 5.58
N ARG B 261 21.56 2.06 6.32
CA ARG B 261 20.42 1.22 6.67
C ARG B 261 19.79 0.55 5.44
N ALA B 262 19.80 -0.79 5.43
CA ALA B 262 19.21 -1.56 4.33
C ALA B 262 17.69 -1.51 4.39
N GLY B 263 17.06 -1.45 3.20
CA GLY B 263 15.61 -1.31 3.13
C GLY B 263 15.10 0.10 3.38
N LEU B 264 15.99 1.09 3.28
CA LEU B 264 15.59 2.50 3.32
C LEU B 264 14.76 2.81 2.08
N GLU B 265 15.20 2.32 0.94
CA GLU B 265 14.50 2.47 -0.34
C GLU B 265 12.99 2.17 -0.24
N GLN B 266 12.62 1.12 0.51
CA GLN B 266 11.21 0.74 0.66
C GLN B 266 10.46 1.65 1.62
N GLU B 267 11.12 2.02 2.73
CA GLU B 267 10.52 2.94 3.70
C GLU B 267 10.25 4.32 3.09
N LEU B 268 11.09 4.72 2.14
CA LEU B 268 10.93 6.01 1.47
C LEU B 268 9.68 6.04 0.61
N GLU B 269 9.46 4.97 -0.15
CA GLU B 269 8.27 4.87 -1.01
C GLU B 269 6.96 5.00 -0.23
N ALA B 270 6.93 4.54 1.01
CA ALA B 270 5.79 4.72 1.91
C ALA B 270 5.57 6.18 2.31
N GLY B 271 6.65 6.95 2.41
CA GLY B 271 6.59 8.38 2.71
C GLY B 271 7.48 8.74 3.88
N VAL B 272 8.23 9.81 3.74
CA VAL B 272 9.15 10.27 4.78
C VAL B 272 8.48 11.41 5.54
N GLY B 273 8.33 11.27 6.85
CA GLY B 273 7.67 12.31 7.61
C GLY B 273 7.60 12.08 9.08
N GLY B 274 6.72 12.82 9.74
CA GLY B 274 6.57 12.72 11.19
C GLY B 274 5.80 13.86 11.82
N ARG B 275 5.56 13.73 13.12
CA ARG B 275 4.88 14.77 13.86
C ARG B 275 5.88 15.85 14.24
N PHE B 276 5.37 17.04 14.55
CA PHE B 276 6.22 18.12 15.02
C PHE B 276 5.39 19.02 15.92
N ARG B 277 6.07 19.61 16.89
CA ARG B 277 5.45 20.58 17.79
C ARG B 277 6.49 21.62 18.15
N CYS B 278 6.06 22.88 18.17
CA CYS B 278 6.89 23.98 18.62
C CYS B 278 6.03 25.14 19.10
N SER B 279 6.65 26.12 19.73
CA SER B 279 5.92 27.29 20.20
C SER B 279 6.60 28.56 19.67
N CYS B 280 5.80 29.52 19.24
CA CYS B 280 6.31 30.70 18.56
C CYS B 280 7.01 31.68 19.52
N TYR B 281 7.94 32.45 18.97
CA TYR B 281 8.77 33.37 19.74
C TYR B 281 8.06 34.66 20.14
N GLY B 282 7.19 35.15 19.26
CA GLY B 282 6.52 36.43 19.49
C GLY B 282 5.46 36.74 18.46
N SER B 283 4.89 37.95 18.55
CA SER B 283 3.77 38.33 17.69
C SER B 283 4.21 38.51 16.25
N ALA B 284 3.47 37.95 15.31
CA ALA B 284 3.83 38.01 13.88
C ALA B 284 2.73 37.47 12.98
N PRO B 285 2.71 37.91 11.70
CA PRO B 285 1.83 37.28 10.71
C PRO B 285 2.50 36.05 10.11
N MET B 286 2.02 34.87 10.49
CA MET B 286 2.54 33.61 9.99
C MET B 286 1.94 33.33 8.62
N HIS B 287 2.79 33.09 7.62
CA HIS B 287 2.34 32.74 6.27
C HIS B 287 2.46 31.25 5.96
N GLY B 288 3.12 30.50 6.84
CA GLY B 288 3.21 29.04 6.65
C GLY B 288 4.46 28.43 7.24
N PHE B 289 5.00 27.44 6.54
CA PHE B 289 6.16 26.69 7.01
C PHE B 289 7.28 26.71 5.98
N ALA B 290 8.51 26.57 6.47
CA ALA B 290 9.66 26.30 5.62
C ALA B 290 10.18 24.93 6.01
N ILE B 291 10.59 24.14 5.02
CA ILE B 291 11.32 22.92 5.27
C ILE B 291 12.68 22.99 4.60
N TRP B 292 13.67 22.42 5.26
CA TRP B 292 15.00 22.36 4.72
C TRP B 292 15.66 21.08 5.23
N PHE B 293 16.90 20.85 4.83
CA PHE B 293 17.60 19.64 5.21
C PHE B 293 19.05 19.91 5.52
N GLN B 294 19.68 18.89 6.10
CA GLN B 294 21.13 18.85 6.19
C GLN B 294 21.59 17.44 5.84
N VAL B 295 22.87 17.31 5.52
CA VAL B 295 23.50 16.01 5.42
C VAL B 295 24.75 16.03 6.29
N THR B 296 25.17 14.85 6.74
CA THR B 296 26.26 14.75 7.70
C THR B 296 27.33 13.79 7.20
N PHE B 297 28.58 14.23 7.26
CA PHE B 297 29.72 13.38 6.90
C PHE B 297 30.30 12.78 8.17
N PRO B 298 30.71 11.49 8.11
CA PRO B 298 31.33 10.89 9.31
C PRO B 298 32.58 11.65 9.75
N GLY B 299 32.86 11.58 11.05
CA GLY B 299 33.90 12.42 11.67
C GLY B 299 35.32 12.04 11.34
N GLY B 300 35.56 10.74 11.12
CA GLY B 300 36.91 10.24 10.87
C GLY B 300 37.76 10.25 12.13
N GLU B 301 39.08 10.31 11.95
CA GLU B 301 40.03 10.19 13.07
C GLU B 301 39.91 11.36 14.06
N SER B 302 39.63 12.56 13.57
CA SER B 302 39.44 13.73 14.43
C SER B 302 38.09 13.70 15.16
N GLU B 303 37.14 12.90 14.66
CA GLU B 303 35.81 12.74 15.27
C GLU B 303 35.04 14.06 15.29
N LYS B 304 35.15 14.81 14.19
CA LYS B 304 34.37 16.03 13.96
C LYS B 304 33.47 15.81 12.75
N PRO B 305 32.24 15.32 12.97
CA PRO B 305 31.35 15.14 11.82
C PRO B 305 30.98 16.50 11.20
N LEU B 306 31.10 16.61 9.88
CA LEU B 306 30.79 17.86 9.19
C LEU B 306 29.34 17.87 8.72
N VAL B 307 28.67 18.99 8.97
CA VAL B 307 27.27 19.16 8.59
C VAL B 307 27.16 20.20 7.47
N LEU B 308 26.55 19.79 6.36
CA LEU B 308 26.16 20.71 5.30
C LEU B 308 24.67 20.98 5.47
N SER B 309 24.35 22.18 5.93
CA SER B 309 22.97 22.57 6.22
C SER B 309 22.46 23.47 5.11
N THR B 310 21.13 23.46 4.90
CA THR B 310 20.48 24.42 4.00
C THR B 310 19.53 25.33 4.77
N SER B 311 19.73 25.38 6.09
CA SER B 311 18.96 26.23 6.97
C SER B 311 19.23 27.69 6.69
N PRO B 312 18.22 28.55 6.93
CA PRO B 312 18.44 30.00 6.80
C PRO B 312 19.32 30.57 7.92
N PHE B 313 19.65 29.79 8.94
CA PHE B 313 20.64 30.24 9.94
C PHE B 313 22.08 29.96 9.53
N HIS B 314 22.27 29.24 8.43
CA HIS B 314 23.60 28.90 7.93
C HIS B 314 23.77 29.53 6.56
N PRO B 315 25.00 29.50 6.01
CA PRO B 315 25.17 30.27 4.76
C PRO B 315 24.27 29.78 3.61
N ALA B 316 23.82 30.71 2.78
CA ALA B 316 22.94 30.38 1.67
C ALA B 316 23.54 29.32 0.75
N THR B 317 22.68 28.45 0.23
CA THR B 317 23.03 27.48 -0.81
C THR B 317 22.05 27.62 -1.97
N HIS B 318 22.34 26.93 -3.06
CA HIS B 318 21.45 26.98 -4.23
C HIS B 318 20.11 26.30 -3.95
N TRP B 319 20.06 25.43 -2.95
CA TRP B 319 18.82 24.78 -2.54
C TRP B 319 17.84 25.74 -1.85
N LYS B 320 18.36 26.74 -1.16
CA LYS B 320 17.52 27.66 -0.40
C LYS B 320 16.64 26.86 0.56
N GLN B 321 15.37 27.26 0.72
CA GLN B 321 14.41 26.47 1.48
C GLN B 321 13.14 26.31 0.67
N ALA B 322 12.34 25.32 1.04
CA ALA B 322 11.06 25.04 0.38
C ALA B 322 9.93 25.53 1.27
N LEU B 323 9.13 26.44 0.73
CA LEU B 323 8.11 27.15 1.50
C LEU B 323 6.73 26.59 1.22
N LEU B 324 6.00 26.34 2.31
CA LEU B 324 4.63 25.80 2.27
C LEU B 324 3.70 26.86 2.83
N TYR B 325 2.93 27.50 1.96
CA TYR B 325 2.07 28.60 2.36
C TYR B 325 0.69 28.13 2.79
N LEU B 326 0.19 28.73 3.87
CA LEU B 326 -1.22 28.57 4.26
C LEU B 326 -2.05 29.33 3.25
N ASN B 327 -3.36 29.13 3.26
CA ASN B 327 -4.23 29.83 2.30
C ASN B 327 -4.35 31.33 2.59
N GLU B 328 -4.09 31.71 3.84
CA GLU B 328 -4.04 33.12 4.21
C GLU B 328 -3.23 33.25 5.50
N PRO B 329 -2.81 34.49 5.85
CA PRO B 329 -2.00 34.66 7.05
C PRO B 329 -2.72 34.29 8.35
N VAL B 330 -1.95 33.96 9.36
CA VAL B 330 -2.49 33.72 10.71
C VAL B 330 -1.58 34.42 11.72
N GLN B 331 -2.19 35.24 12.57
CA GLN B 331 -1.44 35.97 13.57
C GLN B 331 -1.11 35.02 14.72
N VAL B 332 0.16 34.96 15.07
CA VAL B 332 0.61 34.19 16.22
C VAL B 332 1.13 35.17 17.27
N GLU B 333 1.27 34.67 18.49
CA GLU B 333 1.75 35.44 19.62
C GLU B 333 2.91 34.68 20.21
N GLN B 334 3.52 35.24 21.25
CA GLN B 334 4.54 34.53 22.00
C GLN B 334 3.93 33.28 22.63
N ASP B 335 4.62 32.15 22.49
CA ASP B 335 4.19 30.85 23.03
C ASP B 335 2.94 30.24 22.34
N THR B 336 2.53 30.80 21.20
CA THR B 336 1.51 30.17 20.39
C THR B 336 2.06 28.81 19.95
N ASP B 337 1.38 27.74 20.35
N ASP B 337 1.41 27.73 20.36
CA ASP B 337 1.78 26.37 19.99
CA ASP B 337 1.83 26.39 19.99
C ASP B 337 1.42 26.09 18.54
C ASP B 337 1.42 26.06 18.56
N VAL B 338 2.38 25.58 17.77
CA VAL B 338 2.14 25.18 16.40
C VAL B 338 2.56 23.72 16.29
N SER B 339 1.67 22.88 15.77
CA SER B 339 1.92 21.44 15.73
C SER B 339 1.34 20.84 14.48
N GLY B 340 1.70 19.60 14.22
CA GLY B 340 1.14 18.91 13.07
C GLY B 340 1.93 17.70 12.65
N GLU B 341 1.69 17.32 11.40
CA GLU B 341 2.35 16.19 10.80
C GLU B 341 2.65 16.53 9.35
N ILE B 342 3.79 16.07 8.86
CA ILE B 342 4.18 16.31 7.48
C ILE B 342 4.71 15.04 6.88
N THR B 343 4.30 14.76 5.65
CA THR B 343 4.79 13.61 4.93
C THR B 343 5.28 14.06 3.55
N LEU B 344 6.49 13.63 3.21
CA LEU B 344 7.03 13.80 1.86
C LEU B 344 6.77 12.51 1.11
N LEU B 345 6.30 12.65 -0.14
CA LEU B 345 5.82 11.55 -0.94
C LEU B 345 6.19 11.73 -2.41
N PRO B 346 6.24 10.62 -3.17
CA PRO B 346 6.26 10.68 -4.64
C PRO B 346 4.90 11.07 -5.18
N SER B 347 4.87 11.95 -6.18
CA SER B 347 3.61 12.39 -6.77
CA SER B 347 3.60 12.39 -6.76
C SER B 347 3.03 11.30 -7.67
N ARG B 348 1.69 11.23 -7.74
CA ARG B 348 0.98 10.26 -8.59
C ARG B 348 1.50 10.24 -10.01
N ASP B 349 1.59 11.42 -10.62
CA ASP B 349 2.02 11.55 -12.01
C ASP B 349 3.48 11.13 -12.17
N ASN B 350 4.42 11.99 -11.76
CA ASN B 350 5.83 11.65 -11.78
C ASN B 350 6.29 11.36 -10.36
N PRO B 351 6.75 10.13 -10.08
CA PRO B 351 7.16 9.83 -8.71
C PRO B 351 8.50 10.50 -8.28
N ARG B 352 9.28 10.99 -9.25
CA ARG B 352 10.48 11.79 -8.97
C ARG B 352 10.15 13.25 -8.60
N ARG B 353 8.91 13.66 -8.84
CA ARG B 353 8.39 14.96 -8.42
C ARG B 353 7.90 14.87 -6.98
N LEU B 354 8.15 15.92 -6.20
CA LEU B 354 7.90 15.91 -4.76
C LEU B 354 6.48 16.38 -4.45
N ARG B 355 5.82 15.64 -3.56
CA ARG B 355 4.51 15.97 -3.05
C ARG B 355 4.62 16.02 -1.52
N VAL B 356 3.85 16.90 -0.89
CA VAL B 356 3.84 17.04 0.57
C VAL B 356 2.41 17.06 1.13
N LEU B 357 2.10 16.15 2.04
CA LEU B 357 0.87 16.22 2.81
C LEU B 357 1.20 16.92 4.10
N LEU B 358 0.51 18.02 4.37
CA LEU B 358 0.68 18.77 5.60
C LEU B 358 -0.61 18.77 6.38
N ARG B 359 -0.52 18.40 7.65
CA ARG B 359 -1.60 18.52 8.61
C ARG B 359 -1.05 19.40 9.71
N TYR B 360 -1.79 20.43 10.10
CA TYR B 360 -1.26 21.40 11.07
C TYR B 360 -2.34 22.08 11.90
N LYS B 361 -1.90 22.72 12.98
CA LYS B 361 -2.76 23.40 13.91
C LYS B 361 -2.03 24.59 14.53
N VAL B 362 -2.53 25.79 14.32
CA VAL B 362 -1.92 27.01 14.89
C VAL B 362 -2.75 27.52 16.05
N GLY B 363 -2.23 27.39 17.26
CA GLY B 363 -2.90 27.88 18.47
C GLY B 363 -4.35 27.46 18.59
N ASP B 364 -5.26 28.43 18.58
CA ASP B 364 -6.70 28.21 18.80
C ASP B 364 -7.44 27.73 17.57
N GLN B 365 -6.84 27.89 16.40
CA GLN B 365 -7.48 27.55 15.14
C GLN B 365 -7.72 26.03 15.07
N GLU B 366 -8.70 25.65 14.26
CA GLU B 366 -9.02 24.23 14.05
C GLU B 366 -7.84 23.58 13.36
N GLU B 367 -7.77 22.25 13.43
CA GLU B 367 -6.78 21.51 12.65
C GLU B 367 -7.06 21.69 11.17
N LYS B 368 -6.00 21.78 10.36
CA LYS B 368 -6.15 21.95 8.91
C LYS B 368 -5.21 21.06 8.13
N THR B 369 -5.49 20.91 6.85
CA THR B 369 -4.67 20.09 5.97
C THR B 369 -4.45 20.82 4.65
N LYS B 370 -3.35 20.50 3.98
CA LYS B 370 -3.08 21.06 2.67
C LYS B 370 -2.10 20.16 1.92
N ASP B 371 -2.40 19.90 0.65
CA ASP B 371 -1.53 19.13 -0.23
C ASP B 371 -0.74 20.08 -1.12
N PHE B 372 0.56 19.85 -1.22
CA PHE B 372 1.43 20.68 -2.05
C PHE B 372 2.15 19.79 -3.06
N ALA B 373 2.71 20.43 -4.08
CA ALA B 373 3.60 19.74 -5.00
C ALA B 373 4.55 20.72 -5.65
N MET B 374 5.76 20.25 -5.94
CA MET B 374 6.75 21.04 -6.64
C MET B 374 6.36 21.12 -8.11
N GLU B 375 6.59 22.28 -8.74
CA GLU B 375 6.25 22.49 -10.16
C GLU B 375 7.00 21.53 -11.08
N TYR C 48 -9.41 -56.59 34.43
CA TYR C 48 -10.18 -55.41 33.92
C TYR C 48 -10.88 -55.74 32.59
N TYR C 49 -12.17 -55.43 32.51
CA TYR C 49 -12.89 -55.52 31.24
C TYR C 49 -12.35 -54.47 30.27
N GLU C 50 -12.32 -54.80 28.99
CA GLU C 50 -11.82 -53.90 27.95
C GLU C 50 -10.46 -53.28 28.31
N CYS C 51 -9.57 -54.11 28.84
CA CYS C 51 -8.21 -53.67 29.20
C CYS C 51 -7.25 -53.72 28.01
N TYR C 52 -7.72 -54.09 26.83
CA TYR C 52 -6.90 -54.00 25.62
C TYR C 52 -6.65 -52.54 25.26
N SER C 53 -7.56 -51.68 25.68
CA SER C 53 -7.42 -50.25 25.51
C SER C 53 -6.19 -49.74 26.26
N ASP C 54 -6.08 -50.16 27.53
CA ASP C 54 -4.94 -49.79 28.38
C ASP C 54 -3.63 -50.37 27.86
N VAL C 55 -3.67 -51.57 27.30
CA VAL C 55 -2.49 -52.17 26.68
C VAL C 55 -2.05 -51.38 25.45
N SER C 56 -3.01 -50.93 24.66
CA SER C 56 -2.72 -50.14 23.44
C SER C 56 -2.13 -48.77 23.76
N VAL C 57 -2.69 -48.08 24.75
CA VAL C 57 -2.18 -46.78 25.16
C VAL C 57 -0.69 -46.88 25.49
N HIS C 58 -0.33 -47.86 26.32
CA HIS C 58 1.02 -47.94 26.84
C HIS C 58 2.02 -48.60 25.92
N GLU C 59 1.51 -49.43 25.01
CA GLU C 59 2.30 -49.95 23.91
C GLU C 59 2.72 -48.77 23.02
N GLU C 60 1.72 -47.99 22.59
CA GLU C 60 1.95 -46.78 21.80
C GLU C 60 2.93 -45.82 22.48
N MET C 61 2.70 -45.57 23.75
CA MET C 61 3.51 -44.64 24.53
C MET C 61 4.98 -45.10 24.56
N ILE C 62 5.22 -46.37 24.83
CA ILE C 62 6.58 -46.89 24.95
C ILE C 62 7.22 -47.12 23.58
N ALA C 63 6.41 -47.49 22.59
CA ALA C 63 6.91 -47.67 21.21
C ALA C 63 7.28 -46.34 20.58
N ASP C 64 6.70 -45.26 21.09
CA ASP C 64 7.11 -43.90 20.73
C ASP C 64 8.49 -43.65 21.34
N ARG C 65 9.53 -44.08 20.63
CA ARG C 65 10.89 -44.09 21.14
C ARG C 65 11.43 -42.68 21.38
N VAL C 66 11.05 -41.74 20.52
CA VAL C 66 11.51 -40.37 20.63
C VAL C 66 11.04 -39.78 21.96
N ARG C 67 9.77 -39.95 22.26
CA ARG C 67 9.20 -39.52 23.51
C ARG C 67 9.92 -40.17 24.69
N THR C 68 9.94 -41.49 24.69
CA THR C 68 10.43 -42.24 25.82
C THR C 68 11.90 -41.93 26.07
N ASP C 69 12.72 -41.89 25.03
CA ASP C 69 14.13 -41.51 25.16
C ASP C 69 14.34 -40.04 25.56
N ALA C 70 13.44 -39.16 25.14
CA ALA C 70 13.53 -37.75 25.51
C ALA C 70 13.42 -37.63 27.03
N TYR C 71 12.42 -38.30 27.61
CA TYR C 71 12.26 -38.32 29.07
C TYR C 71 13.42 -38.97 29.79
N ARG C 72 13.98 -40.02 29.21
CA ARG C 72 15.07 -40.75 29.80
C ARG C 72 16.32 -39.90 29.87
N LEU C 73 16.74 -39.37 28.73
CA LEU C 73 17.90 -38.46 28.69
C LEU C 73 17.61 -37.19 29.48
N GLY C 74 16.38 -36.69 29.39
CA GLY C 74 15.97 -35.53 30.18
C GLY C 74 16.18 -35.75 31.67
N ILE C 75 15.81 -36.95 32.13
CA ILE C 75 15.96 -37.32 33.55
C ILE C 75 17.42 -37.53 33.92
N LEU C 76 18.16 -38.29 33.12
CA LEU C 76 19.58 -38.55 33.39
C LEU C 76 20.44 -37.29 33.47
N ARG C 77 20.12 -36.28 32.66
CA ARG C 77 20.89 -35.04 32.65
C ARG C 77 20.71 -34.23 33.92
N ASN C 78 19.61 -34.47 34.64
CA ASN C 78 19.39 -33.88 35.95
C ASN C 78 19.79 -34.83 37.10
N TRP C 79 20.80 -35.66 36.87
CA TRP C 79 21.31 -36.59 37.90
C TRP C 79 21.73 -35.86 39.18
N ALA C 80 22.32 -34.67 39.03
CA ALA C 80 22.81 -33.91 40.19
C ALA C 80 21.67 -33.40 41.05
N ALA C 81 20.56 -33.01 40.41
CA ALA C 81 19.38 -32.55 41.13
C ALA C 81 18.51 -33.68 41.69
N LEU C 82 18.73 -34.92 41.22
CA LEU C 82 17.89 -36.06 41.57
C LEU C 82 18.57 -37.11 42.46
N ARG C 83 19.89 -37.11 42.51
CA ARG C 83 20.63 -38.12 43.27
C ARG C 83 20.34 -38.01 44.77
N GLY C 84 19.77 -39.08 45.33
CA GLY C 84 19.41 -39.10 46.75
C GLY C 84 18.16 -38.33 47.11
N LYS C 85 17.45 -37.84 46.10
CA LYS C 85 16.28 -37.01 46.29
C LYS C 85 15.01 -37.80 46.05
N THR C 86 13.87 -37.14 46.22
CA THR C 86 12.58 -37.79 46.08
C THR C 86 11.82 -37.24 44.86
N VAL C 87 11.12 -38.13 44.16
CA VAL C 87 10.45 -37.79 42.92
C VAL C 87 9.00 -38.27 42.92
N LEU C 88 8.11 -37.43 42.39
CA LEU C 88 6.72 -37.81 42.14
C LEU C 88 6.51 -37.99 40.64
N ASP C 89 6.10 -39.19 40.22
CA ASP C 89 5.74 -39.45 38.83
C ASP C 89 4.22 -39.38 38.68
N VAL C 90 3.73 -38.28 38.09
CA VAL C 90 2.29 -38.08 37.92
C VAL C 90 1.79 -38.88 36.73
N GLY C 91 1.02 -39.93 37.01
CA GLY C 91 0.47 -40.78 35.96
C GLY C 91 1.54 -41.69 35.43
N ALA C 92 1.99 -42.59 36.29
CA ALA C 92 3.18 -43.39 36.04
C ALA C 92 2.97 -44.52 35.02
N GLY C 93 1.72 -44.92 34.82
CA GLY C 93 1.38 -45.94 33.83
C GLY C 93 2.03 -47.28 34.11
N THR C 94 2.93 -47.71 33.22
CA THR C 94 3.71 -48.93 33.44
C THR C 94 4.89 -48.74 34.40
N GLY C 95 5.17 -47.49 34.79
CA GLY C 95 6.22 -47.16 35.73
C GLY C 95 7.57 -46.89 35.09
N ILE C 96 7.62 -46.85 33.76
CA ILE C 96 8.91 -46.73 33.07
C ILE C 96 9.69 -45.46 33.43
N LEU C 97 9.00 -44.33 33.55
CA LEU C 97 9.67 -43.07 33.90
C LEU C 97 10.17 -43.06 35.33
N SER C 98 9.37 -43.60 36.25
CA SER C 98 9.78 -43.74 37.64
C SER C 98 11.07 -44.56 37.75
N ILE C 99 11.20 -45.60 36.94
CA ILE C 99 12.41 -46.44 36.94
C ILE C 99 13.61 -45.69 36.38
N PHE C 100 13.40 -44.85 35.36
CA PHE C 100 14.46 -43.95 34.88
C PHE C 100 14.99 -43.02 35.98
N CYS C 101 14.10 -42.50 36.81
CA CYS C 101 14.51 -41.63 37.92
C CYS C 101 15.37 -42.40 38.94
N ALA C 102 14.99 -43.65 39.21
CA ALA C 102 15.81 -44.55 40.02
C ALA C 102 17.16 -44.77 39.36
N GLN C 103 17.16 -45.05 38.06
CA GLN C 103 18.41 -45.18 37.30
C GLN C 103 19.30 -43.95 37.43
N ALA C 104 18.69 -42.78 37.57
CA ALA C 104 19.41 -41.51 37.74
C ALA C 104 19.84 -41.21 39.17
N GLY C 105 19.50 -42.08 40.13
CA GLY C 105 19.95 -41.95 41.51
C GLY C 105 18.92 -41.44 42.51
N ALA C 106 17.66 -41.34 42.11
CA ALA C 106 16.60 -40.96 43.06
C ALA C 106 16.56 -41.95 44.21
N ARG C 107 16.41 -41.45 45.43
CA ARG C 107 16.34 -42.33 46.59
C ARG C 107 14.96 -42.97 46.65
N ARG C 108 13.94 -42.18 46.37
CA ARG C 108 12.59 -42.65 46.47
C ARG C 108 11.73 -41.98 45.39
N VAL C 109 11.00 -42.81 44.64
CA VAL C 109 10.08 -42.34 43.61
C VAL C 109 8.67 -42.81 43.94
N TYR C 110 7.72 -41.87 43.98
CA TYR C 110 6.31 -42.23 44.18
C TYR C 110 5.59 -42.22 42.83
N ALA C 111 5.27 -43.41 42.33
CA ALA C 111 4.58 -43.57 41.04
C ALA C 111 3.09 -43.56 41.25
N VAL C 112 2.44 -42.45 40.94
CA VAL C 112 1.00 -42.32 41.13
C VAL C 112 0.24 -42.56 39.82
N GLU C 113 -0.65 -43.54 39.83
CA GLU C 113 -1.37 -43.98 38.62
C GLU C 113 -2.85 -44.23 38.94
N ALA C 114 -3.74 -43.58 38.20
CA ALA C 114 -5.19 -43.60 38.48
C ALA C 114 -5.91 -44.82 37.92
N SER C 115 -5.52 -45.28 36.73
CA SER C 115 -6.19 -46.42 36.10
C SER C 115 -5.66 -47.73 36.66
N ALA C 116 -6.28 -48.83 36.28
CA ALA C 116 -5.93 -50.15 36.82
C ALA C 116 -4.59 -50.71 36.29
N ILE C 117 -3.94 -49.98 35.40
CA ILE C 117 -2.60 -50.33 34.95
C ILE C 117 -1.57 -50.29 36.10
N TRP C 118 -1.89 -49.56 37.18
CA TRP C 118 -1.01 -49.48 38.35
C TRP C 118 -0.53 -50.84 38.86
N GLN C 119 -1.37 -51.87 38.76
CA GLN C 119 -0.99 -53.22 39.18
C GLN C 119 0.13 -53.80 38.33
N GLN C 120 0.16 -53.45 37.05
CA GLN C 120 1.21 -53.91 36.17
C GLN C 120 2.48 -53.09 36.39
N ALA C 121 2.31 -51.82 36.75
CA ALA C 121 3.43 -50.97 37.15
C ALA C 121 4.12 -51.53 38.39
N ARG C 122 3.31 -51.98 39.36
CA ARG C 122 3.82 -52.61 40.56
C ARG C 122 4.58 -53.88 40.22
N GLU C 123 4.02 -54.65 39.29
CA GLU C 123 4.65 -55.89 38.85
C GLU C 123 6.00 -55.62 38.17
N VAL C 124 6.07 -54.57 37.36
CA VAL C 124 7.31 -54.21 36.66
C VAL C 124 8.40 -53.73 37.63
N VAL C 125 8.00 -52.91 38.60
CA VAL C 125 8.92 -52.40 39.62
C VAL C 125 9.54 -53.56 40.41
N ARG C 126 8.68 -54.47 40.87
CA ARG C 126 9.11 -55.68 41.60
C ARG C 126 9.99 -56.56 40.71
N PHE C 127 9.60 -56.71 39.44
CA PHE C 127 10.32 -57.56 38.51
C PHE C 127 11.71 -57.03 38.17
N ASN C 128 11.92 -55.72 38.29
CA ASN C 128 13.23 -55.10 38.10
C ASN C 128 13.95 -54.80 39.43
N GLY C 129 13.39 -55.29 40.55
CA GLY C 129 14.05 -55.24 41.85
C GLY C 129 14.17 -53.87 42.48
N LEU C 130 13.21 -52.98 42.20
CA LEU C 130 13.30 -51.60 42.67
C LEU C 130 12.19 -51.24 43.66
N GLU C 131 11.61 -52.26 44.30
CA GLU C 131 10.47 -52.08 45.23
C GLU C 131 10.84 -51.26 46.47
N ASP C 132 12.13 -51.23 46.80
CA ASP C 132 12.62 -50.42 47.93
C ASP C 132 12.69 -48.92 47.59
N ARG C 133 12.97 -48.62 46.32
CA ARG C 133 13.13 -47.23 45.86
C ARG C 133 11.91 -46.66 45.13
N VAL C 134 11.17 -47.51 44.42
CA VAL C 134 9.97 -47.05 43.69
C VAL C 134 8.70 -47.63 44.32
N HIS C 135 7.81 -46.75 44.76
CA HIS C 135 6.56 -47.16 45.40
C HIS C 135 5.37 -46.77 44.52
N VAL C 136 4.64 -47.76 44.01
CA VAL C 136 3.45 -47.49 43.20
C VAL C 136 2.26 -47.19 44.10
N LEU C 137 1.77 -45.96 44.02
CA LEU C 137 0.59 -45.55 44.76
C LEU C 137 -0.61 -45.42 43.82
N PRO C 138 -1.58 -46.34 43.92
CA PRO C 138 -2.78 -46.24 43.07
C PRO C 138 -3.74 -45.13 43.47
N GLY C 139 -4.37 -44.52 42.47
CA GLY C 139 -5.40 -43.49 42.66
C GLY C 139 -5.06 -42.23 41.89
N PRO C 140 -6.01 -41.28 41.83
CA PRO C 140 -5.74 -39.98 41.21
C PRO C 140 -4.72 -39.16 41.98
N VAL C 141 -3.86 -38.45 41.27
CA VAL C 141 -2.83 -37.63 41.90
C VAL C 141 -3.45 -36.48 42.74
N GLU C 142 -4.67 -36.10 42.40
CA GLU C 142 -5.38 -35.06 43.12
C GLU C 142 -5.76 -35.50 44.53
N THR C 143 -6.02 -36.79 44.72
CA THR C 143 -6.45 -37.33 46.02
C THR C 143 -5.44 -38.25 46.71
N VAL C 144 -4.35 -38.61 46.04
CA VAL C 144 -3.36 -39.55 46.60
C VAL C 144 -2.67 -38.94 47.83
N GLU C 145 -2.29 -39.79 48.77
CA GLU C 145 -1.66 -39.34 50.00
C GLU C 145 -0.19 -39.74 50.04
N LEU C 146 0.69 -38.75 49.95
CA LEU C 146 2.14 -38.97 50.06
C LEU C 146 2.61 -38.73 51.49
N PRO C 147 3.65 -39.48 51.93
CA PRO C 147 4.21 -39.27 53.27
C PRO C 147 5.10 -38.03 53.39
N GLU C 148 5.38 -37.36 52.27
CA GLU C 148 6.29 -36.23 52.27
C GLU C 148 6.17 -35.43 50.97
N GLN C 149 6.68 -34.20 51.00
CA GLN C 149 6.87 -33.42 49.77
C GLN C 149 8.05 -33.95 48.98
N VAL C 150 8.12 -33.56 47.71
CA VAL C 150 9.15 -34.07 46.79
C VAL C 150 10.07 -32.98 46.25
N ASP C 151 11.25 -33.40 45.84
CA ASP C 151 12.26 -32.52 45.26
C ASP C 151 12.03 -32.33 43.77
N ALA C 152 11.28 -33.23 43.15
CA ALA C 152 11.05 -33.19 41.72
C ALA C 152 9.75 -33.84 41.31
N ILE C 153 9.21 -33.37 40.20
CA ILE C 153 8.08 -34.00 39.53
C ILE C 153 8.49 -34.37 38.11
N VAL C 154 8.14 -35.58 37.70
CA VAL C 154 8.21 -35.99 36.31
C VAL C 154 6.81 -36.43 35.87
N SER C 155 6.44 -36.07 34.64
CA SER C 155 5.09 -36.36 34.13
C SER C 155 4.99 -36.34 32.60
N GLU C 156 4.45 -37.41 32.05
CA GLU C 156 4.04 -37.49 30.65
C GLU C 156 2.57 -37.03 30.56
N TRP C 157 2.35 -35.74 30.33
CA TRP C 157 1.01 -35.14 30.46
C TRP C 157 0.42 -34.58 29.18
N MET C 158 1.22 -34.54 28.10
CA MET C 158 0.83 -33.80 26.91
C MET C 158 -0.20 -34.56 26.06
N GLY C 159 -1.22 -33.86 25.61
CA GLY C 159 -2.22 -34.43 24.72
C GLY C 159 -2.02 -33.97 23.29
N TYR C 160 -2.93 -34.38 22.41
CA TYR C 160 -2.92 -33.92 21.02
C TYR C 160 -3.14 -32.41 21.02
N GLY C 161 -2.47 -31.71 20.11
CA GLY C 161 -2.44 -30.24 20.11
C GLY C 161 -2.01 -29.68 21.46
N LEU C 162 -1.16 -30.44 22.14
CA LEU C 162 -0.73 -30.17 23.52
C LEU C 162 -1.84 -30.30 24.58
N LEU C 163 -2.94 -29.58 24.41
CA LEU C 163 -3.94 -29.41 25.48
C LEU C 163 -5.25 -30.18 25.33
N HIS C 164 -5.39 -31.00 24.30
CA HIS C 164 -6.58 -31.86 24.17
C HIS C 164 -6.50 -33.04 25.14
N GLU C 165 -7.45 -33.11 26.08
CA GLU C 165 -7.52 -34.20 27.07
C GLU C 165 -6.17 -34.51 27.71
N SER C 166 -5.51 -33.46 28.19
CA SER C 166 -4.17 -33.58 28.78
C SER C 166 -4.24 -33.70 30.29
N MET C 167 -3.11 -34.09 30.89
CA MET C 167 -2.95 -34.18 32.34
C MET C 167 -2.40 -32.90 32.96
N LEU C 168 -2.40 -31.78 32.24
CA LEU C 168 -1.74 -30.57 32.72
C LEU C 168 -2.27 -30.05 34.06
N SER C 169 -3.59 -30.09 34.28
CA SER C 169 -4.15 -29.55 35.52
C SER C 169 -3.75 -30.42 36.71
N SER C 170 -3.77 -31.74 36.49
CA SER C 170 -3.29 -32.69 37.49
C SER C 170 -1.84 -32.39 37.88
N VAL C 171 -1.02 -32.06 36.90
CA VAL C 171 0.40 -31.75 37.12
C VAL C 171 0.56 -30.46 37.93
N LEU C 172 -0.20 -29.43 37.57
CA LEU C 172 -0.13 -28.15 38.29
C LEU C 172 -0.71 -28.27 39.70
N HIS C 173 -1.74 -29.09 39.86
CA HIS C 173 -2.29 -29.39 41.18
C HIS C 173 -1.23 -30.05 42.06
N ALA C 174 -0.57 -31.06 41.52
CA ALA C 174 0.46 -31.82 42.24
C ALA C 174 1.73 -31.00 42.52
N ARG C 175 2.03 -30.04 41.65
CA ARG C 175 3.14 -29.13 41.87
C ARG C 175 2.88 -28.33 43.15
N THR C 176 1.71 -27.70 43.20
CA THR C 176 1.31 -26.89 44.34
C THR C 176 1.30 -27.72 45.62
N LYS C 177 0.61 -28.85 45.59
CA LYS C 177 0.40 -29.64 46.80
C LYS C 177 1.65 -30.35 47.32
N TRP C 178 2.54 -30.80 46.42
CA TRP C 178 3.61 -31.72 46.79
C TRP C 178 5.06 -31.32 46.48
N LEU C 179 5.27 -30.48 45.48
CA LEU C 179 6.64 -30.11 45.09
C LEU C 179 7.13 -29.00 46.01
N LYS C 180 8.38 -29.12 46.47
CA LYS C 180 8.99 -28.11 47.33
C LYS C 180 9.26 -26.85 46.52
N GLU C 181 9.36 -25.72 47.20
CA GLU C 181 9.66 -24.46 46.52
C GLU C 181 11.01 -24.58 45.84
N GLY C 182 11.09 -24.11 44.60
CA GLY C 182 12.28 -24.25 43.77
C GLY C 182 12.54 -25.67 43.30
N GLY C 183 11.54 -26.55 43.44
CA GLY C 183 11.68 -27.93 43.01
C GLY C 183 11.80 -28.08 41.52
N LEU C 184 12.19 -29.28 41.08
CA LEU C 184 12.50 -29.56 39.69
C LEU C 184 11.27 -30.11 38.93
N LEU C 185 11.00 -29.55 37.76
CA LEU C 185 9.88 -29.96 36.91
C LEU C 185 10.41 -30.54 35.61
N LEU C 186 10.01 -31.77 35.30
CA LEU C 186 10.48 -32.46 34.08
C LEU C 186 9.30 -32.95 33.24
N PRO C 187 9.04 -32.35 32.08
CA PRO C 187 9.71 -31.16 31.59
C PRO C 187 9.25 -29.90 32.31
N ALA C 188 9.99 -28.82 32.12
CA ALA C 188 9.77 -27.56 32.83
C ALA C 188 8.91 -26.55 32.07
N SER C 189 8.91 -26.64 30.73
CA SER C 189 8.15 -25.71 29.90
C SER C 189 7.59 -26.38 28.65
N ALA C 190 6.71 -25.66 27.97
CA ALA C 190 6.15 -26.12 26.71
C ALA C 190 6.01 -24.92 25.81
N GLU C 191 6.20 -25.14 24.50
N GLU C 191 6.26 -25.13 24.52
CA GLU C 191 6.12 -24.08 23.53
CA GLU C 191 6.12 -24.07 23.52
C GLU C 191 5.25 -24.54 22.35
C GLU C 191 5.17 -24.56 22.41
N LEU C 192 4.40 -23.64 21.85
CA LEU C 192 3.42 -23.96 20.80
C LEU C 192 3.73 -23.23 19.52
N PHE C 193 3.63 -23.94 18.40
CA PHE C 193 4.01 -23.43 17.10
C PHE C 193 2.89 -23.57 16.09
N ILE C 194 2.87 -22.66 15.11
CA ILE C 194 1.92 -22.69 14.00
C ILE C 194 2.64 -22.34 12.69
N VAL C 195 2.18 -22.94 11.59
CA VAL C 195 2.76 -22.64 10.27
C VAL C 195 1.73 -22.94 9.18
N PRO C 196 1.75 -22.18 8.07
CA PRO C 196 0.91 -22.60 6.95
C PRO C 196 1.47 -23.84 6.24
N ILE C 197 0.58 -24.67 5.71
CA ILE C 197 0.98 -25.94 5.10
C ILE C 197 0.25 -26.22 3.78
N SER C 198 0.90 -27.02 2.94
CA SER C 198 0.27 -27.67 1.81
C SER C 198 0.28 -29.17 2.07
N ASP C 199 -0.84 -29.70 2.55
CA ASP C 199 -1.01 -31.12 2.86
C ASP C 199 -1.02 -32.00 1.61
N GLN C 200 0.12 -32.62 1.37
CA GLN C 200 0.38 -33.55 0.26
C GLN C 200 -0.64 -34.69 0.17
N MET C 201 -1.04 -35.22 1.32
CA MET C 201 -1.98 -36.34 1.39
C MET C 201 -3.39 -35.93 0.97
N LEU C 202 -3.81 -34.75 1.42
CA LEU C 202 -5.10 -34.21 1.03
C LEU C 202 -5.15 -33.94 -0.48
N GLU C 203 -4.05 -33.42 -1.01
CA GLU C 203 -3.92 -33.12 -2.44
C GLU C 203 -4.09 -34.38 -3.29
N TRP C 204 -3.52 -35.48 -2.83
CA TRP C 204 -3.64 -36.78 -3.49
C TRP C 204 -5.09 -37.30 -3.41
N ARG C 205 -5.73 -37.11 -2.25
CA ARG C 205 -7.15 -37.48 -2.10
C ARG C 205 -8.06 -36.68 -3.02
N LEU C 206 -7.81 -35.38 -3.14
CA LEU C 206 -8.64 -34.53 -4.00
C LEU C 206 -8.41 -34.83 -5.49
N GLY C 207 -7.19 -35.21 -5.86
CA GLY C 207 -6.86 -35.53 -7.25
C GLY C 207 -7.33 -36.90 -7.70
N PHE C 208 -7.79 -37.71 -6.75
CA PHE C 208 -8.27 -39.06 -7.00
C PHE C 208 -9.34 -39.12 -8.08
N TRP C 209 -10.33 -38.26 -7.91
CA TRP C 209 -11.53 -38.29 -8.73
C TRP C 209 -11.22 -37.98 -10.21
N SER C 210 -10.18 -37.19 -10.43
CA SER C 210 -9.75 -36.85 -11.80
CA SER C 210 -9.75 -36.84 -11.79
C SER C 210 -9.08 -38.02 -12.51
N GLN C 211 -8.63 -39.01 -11.75
CA GLN C 211 -7.91 -40.15 -12.33
C GLN C 211 -8.73 -41.44 -12.48
N VAL C 212 -9.97 -41.43 -11.99
CA VAL C 212 -10.85 -42.60 -12.11
C VAL C 212 -10.98 -43.01 -13.58
N LYS C 213 -11.13 -42.02 -14.46
CA LYS C 213 -11.27 -42.24 -15.89
C LYS C 213 -10.20 -43.15 -16.50
N GLN C 214 -8.96 -43.01 -16.03
CA GLN C 214 -7.80 -43.68 -16.63
C GLN C 214 -7.98 -45.19 -16.76
N HIS C 215 -8.38 -45.83 -15.67
CA HIS C 215 -8.52 -47.28 -15.64
C HIS C 215 -9.96 -47.76 -15.82
N TYR C 216 -10.93 -46.89 -15.55
CA TYR C 216 -12.35 -47.30 -15.56
C TYR C 216 -13.19 -46.73 -16.72
N GLY C 217 -12.68 -45.72 -17.43
CA GLY C 217 -13.44 -45.08 -18.49
C GLY C 217 -14.70 -44.35 -18.04
N VAL C 218 -14.78 -44.05 -16.74
CA VAL C 218 -15.83 -43.22 -16.18
C VAL C 218 -15.12 -41.99 -15.62
N ASP C 219 -15.37 -40.83 -16.20
CA ASP C 219 -14.72 -39.60 -15.78
C ASP C 219 -15.48 -39.02 -14.60
N MET C 220 -14.75 -38.76 -13.50
CA MET C 220 -15.36 -38.23 -12.28
C MET C 220 -14.68 -36.93 -11.83
N SER C 221 -13.99 -36.26 -12.76
CA SER C 221 -13.41 -34.93 -12.52
C SER C 221 -14.43 -33.93 -11.98
N CYS C 222 -15.71 -34.12 -12.33
CA CYS C 222 -16.78 -33.26 -11.82
C CYS C 222 -16.94 -33.31 -10.30
N LEU C 223 -16.48 -34.37 -9.65
CA LEU C 223 -16.60 -34.52 -8.19
C LEU C 223 -15.51 -33.83 -7.38
N GLU C 224 -14.48 -33.31 -8.03
CA GLU C 224 -13.36 -32.71 -7.31
C GLU C 224 -13.79 -31.54 -6.43
N GLY C 225 -14.67 -30.69 -6.93
CA GLY C 225 -15.20 -29.56 -6.15
C GLY C 225 -15.95 -30.02 -4.92
N PHE C 226 -16.82 -31.00 -5.08
CA PHE C 226 -17.56 -31.60 -3.97
C PHE C 226 -16.61 -32.25 -2.94
N ALA C 227 -15.65 -33.03 -3.44
CA ALA C 227 -14.65 -33.64 -2.57
C ALA C 227 -13.86 -32.57 -1.79
N THR C 228 -13.44 -31.53 -2.51
CA THR C 228 -12.67 -30.42 -1.91
C THR C 228 -13.48 -29.68 -0.85
N ARG C 229 -14.73 -29.35 -1.16
CA ARG C 229 -15.61 -28.67 -0.22
C ARG C 229 -15.88 -29.52 1.02
N CYS C 230 -16.04 -30.83 0.84
CA CYS C 230 -16.38 -31.73 1.95
C CYS C 230 -15.20 -32.02 2.88
N LEU C 231 -14.06 -32.36 2.32
CA LEU C 231 -12.88 -32.70 3.13
C LEU C 231 -12.24 -31.48 3.83
N MET C 232 -12.55 -30.26 3.36
CA MET C 232 -11.96 -29.05 3.94
C MET C 232 -12.96 -28.14 4.66
N GLY C 233 -14.25 -28.27 4.34
CA GLY C 233 -15.27 -27.36 4.88
C GLY C 233 -15.66 -27.60 6.32
N HIS C 234 -15.46 -28.82 6.80
CA HIS C 234 -15.71 -29.18 8.22
C HIS C 234 -14.92 -28.33 9.23
N SER C 235 -15.36 -28.40 10.49
CA SER C 235 -14.77 -27.59 11.58
C SER C 235 -14.08 -28.47 12.64
N GLU C 236 -13.34 -29.46 12.16
CA GLU C 236 -12.71 -30.45 13.02
C GLU C 236 -11.19 -30.42 12.88
N ILE C 237 -10.53 -30.54 14.02
CA ILE C 237 -9.09 -30.56 14.06
C ILE C 237 -8.67 -31.95 13.62
N VAL C 238 -7.87 -32.03 12.57
CA VAL C 238 -7.42 -33.31 12.04
C VAL C 238 -6.01 -33.61 12.54
N VAL C 239 -5.86 -34.68 13.31
CA VAL C 239 -4.53 -35.12 13.75
C VAL C 239 -3.93 -35.99 12.65
N GLN C 240 -2.82 -35.54 12.06
CA GLN C 240 -2.19 -36.26 10.97
C GLN C 240 -0.69 -35.92 10.91
N GLY C 241 0.13 -36.88 10.51
CA GLY C 241 1.56 -36.68 10.36
C GLY C 241 1.91 -36.06 9.02
N LEU C 242 2.35 -34.82 9.03
CA LEU C 242 2.84 -34.17 7.84
C LEU C 242 4.28 -34.55 7.61
N SER C 243 4.71 -34.48 6.36
CA SER C 243 6.13 -34.53 6.05
C SER C 243 6.61 -33.08 6.07
N GLY C 244 7.92 -32.88 6.21
CA GLY C 244 8.46 -31.54 6.37
C GLY C 244 8.26 -30.63 5.19
N GLU C 245 8.29 -31.19 3.98
CA GLU C 245 8.10 -30.40 2.76
C GLU C 245 6.66 -29.86 2.60
N ASP C 246 5.72 -30.29 3.45
CA ASP C 246 4.37 -29.71 3.47
C ASP C 246 4.35 -28.31 4.08
N VAL C 247 5.44 -27.94 4.76
CA VAL C 247 5.53 -26.68 5.49
C VAL C 247 5.91 -25.55 4.52
N LEU C 248 5.14 -24.46 4.54
CA LEU C 248 5.26 -23.41 3.53
C LEU C 248 5.99 -22.16 4.02
N ALA C 249 6.33 -22.09 5.29
CA ALA C 249 7.03 -20.94 5.85
C ALA C 249 7.81 -21.33 7.10
N ARG C 250 8.53 -20.37 7.67
CA ARG C 250 9.22 -20.58 8.93
C ARG C 250 8.18 -20.68 10.04
N PRO C 251 8.18 -21.80 10.79
CA PRO C 251 7.21 -21.94 11.88
C PRO C 251 7.32 -20.84 12.92
N GLN C 252 6.18 -20.37 13.40
CA GLN C 252 6.11 -19.26 14.32
C GLN C 252 5.65 -19.75 15.68
N ARG C 253 6.39 -19.38 16.73
CA ARG C 253 5.98 -19.69 18.08
C ARG C 253 4.89 -18.71 18.50
N PHE C 254 3.77 -19.21 19.00
CA PHE C 254 2.67 -18.32 19.44
C PHE C 254 2.33 -18.39 20.93
N ALA C 255 2.93 -19.30 21.67
CA ALA C 255 2.71 -19.39 23.11
C ALA C 255 3.82 -20.16 23.79
N GLN C 256 3.96 -19.90 25.10
CA GLN C 256 5.04 -20.41 25.92
C GLN C 256 4.44 -20.66 27.31
N LEU C 257 4.44 -21.91 27.75
CA LEU C 257 3.93 -22.25 29.08
C LEU C 257 5.09 -22.57 30.02
N GLU C 258 5.33 -21.68 30.98
CA GLU C 258 6.35 -21.90 32.00
C GLU C 258 5.66 -22.58 33.18
N LEU C 259 5.88 -23.89 33.34
CA LEU C 259 5.12 -24.70 34.31
C LEU C 259 5.36 -24.35 35.78
N SER C 260 6.47 -23.67 36.08
CA SER C 260 6.77 -23.26 37.46
C SER C 260 5.90 -22.10 37.93
N ARG C 261 5.42 -21.27 37.00
CA ARG C 261 4.58 -20.11 37.33
C ARG C 261 3.30 -20.46 38.08
N ALA C 262 3.10 -19.82 39.23
CA ALA C 262 1.82 -19.88 39.93
C ALA C 262 0.81 -19.03 39.16
N GLY C 263 -0.43 -19.51 39.09
CA GLY C 263 -1.48 -18.81 38.34
C GLY C 263 -1.48 -19.09 36.85
N LEU C 264 -0.64 -20.03 36.41
CA LEU C 264 -0.69 -20.51 35.03
C LEU C 264 -2.04 -21.17 34.79
N GLU C 265 -2.46 -22.00 35.74
CA GLU C 265 -3.77 -22.66 35.70
C GLU C 265 -4.88 -21.68 35.31
N GLN C 266 -4.85 -20.48 35.91
CA GLN C 266 -5.87 -19.45 35.65
C GLN C 266 -5.72 -18.84 34.26
N GLU C 267 -4.48 -18.54 33.88
CA GLU C 267 -4.21 -17.97 32.56
C GLU C 267 -4.58 -18.91 31.41
N LEU C 268 -4.47 -20.21 31.67
CA LEU C 268 -4.85 -21.23 30.69
C LEU C 268 -6.35 -21.18 30.40
N GLU C 269 -7.15 -21.04 31.45
CA GLU C 269 -8.61 -21.02 31.33
C GLU C 269 -9.14 -19.85 30.47
N ALA C 270 -8.43 -18.72 30.49
CA ALA C 270 -8.72 -17.59 29.61
C ALA C 270 -8.47 -17.94 28.14
N GLY C 271 -7.47 -18.79 27.89
CA GLY C 271 -7.16 -19.28 26.55
C GLY C 271 -5.72 -18.98 26.19
N VAL C 272 -5.03 -19.98 25.64
CA VAL C 272 -3.62 -19.84 25.28
C VAL C 272 -3.52 -19.51 23.81
N GLY C 273 -2.85 -18.41 23.47
CA GLY C 273 -2.71 -18.06 22.07
C GLY C 273 -1.86 -16.85 21.83
N GLY C 274 -1.99 -16.28 20.64
CA GLY C 274 -1.23 -15.10 20.26
C GLY C 274 -1.27 -14.83 18.77
N ARG C 275 -0.69 -13.69 18.40
CA ARG C 275 -0.59 -13.32 17.00
C ARG C 275 0.58 -14.05 16.36
N PHE C 276 0.56 -14.13 15.04
CA PHE C 276 1.65 -14.72 14.28
C PHE C 276 1.73 -14.09 12.91
N ARG C 277 2.94 -14.03 12.37
CA ARG C 277 3.18 -13.50 11.06
C ARG C 277 4.34 -14.27 10.45
N CYS C 278 4.21 -14.60 9.16
CA CYS C 278 5.28 -15.27 8.41
C CYS C 278 5.07 -15.04 6.93
N SER C 279 6.09 -15.37 6.13
CA SER C 279 6.02 -15.21 4.69
C SER C 279 6.38 -16.53 4.01
N CYS C 280 5.63 -16.87 2.96
CA CYS C 280 5.75 -18.17 2.32
C CYS C 280 7.03 -18.30 1.50
N TYR C 281 7.50 -19.54 1.36
CA TYR C 281 8.77 -19.82 0.68
C TYR C 281 8.65 -19.81 -0.84
N GLY C 282 7.52 -20.29 -1.36
CA GLY C 282 7.34 -20.40 -2.80
C GLY C 282 5.90 -20.68 -3.17
N SER C 283 5.65 -20.88 -4.46
CA SER C 283 4.30 -21.09 -4.98
C SER C 283 3.74 -22.44 -4.56
N ALA C 284 2.52 -22.45 -4.02
CA ALA C 284 1.92 -23.69 -3.54
C ALA C 284 0.42 -23.54 -3.27
N PRO C 285 -0.33 -24.65 -3.31
CA PRO C 285 -1.72 -24.63 -2.85
C PRO C 285 -1.81 -24.81 -1.35
N MET C 286 -2.02 -23.71 -0.63
CA MET C 286 -2.13 -23.74 0.82
C MET C 286 -3.50 -24.27 1.22
N HIS C 287 -3.53 -25.30 2.06
CA HIS C 287 -4.77 -25.88 2.56
C HIS C 287 -5.08 -25.51 4.01
N GLY C 288 -4.14 -24.82 4.67
CA GLY C 288 -4.37 -24.35 6.04
C GLY C 288 -3.13 -24.29 6.90
N PHE C 289 -3.29 -24.59 8.18
CA PHE C 289 -2.21 -24.51 9.16
C PHE C 289 -2.01 -25.81 9.92
N ALA C 290 -0.78 -26.01 10.40
CA ALA C 290 -0.47 -27.07 11.34
C ALA C 290 -0.04 -26.42 12.63
N ILE C 291 -0.46 -26.99 13.75
CA ILE C 291 0.09 -26.61 15.03
C ILE C 291 0.75 -27.82 15.66
N TRP C 292 1.82 -27.58 16.39
CA TRP C 292 2.47 -28.62 17.13
C TRP C 292 3.14 -27.99 18.34
N PHE C 293 3.70 -28.82 19.20
CA PHE C 293 4.33 -28.33 20.41
C PHE C 293 5.69 -28.93 20.62
N GLN C 294 6.38 -28.40 21.60
CA GLN C 294 7.54 -29.05 22.18
C GLN C 294 7.49 -28.87 23.69
N VAL C 295 8.24 -29.68 24.41
CA VAL C 295 8.48 -29.46 25.83
C VAL C 295 9.98 -29.47 26.06
N THR C 296 10.41 -28.85 27.14
CA THR C 296 11.83 -28.67 27.41
C THR C 296 12.20 -29.11 28.81
N PHE C 297 13.22 -29.96 28.90
CA PHE C 297 13.76 -30.40 30.18
C PHE C 297 14.96 -29.51 30.53
N PRO C 298 15.11 -29.15 31.82
CA PRO C 298 16.27 -28.36 32.24
C PRO C 298 17.60 -29.05 31.90
N GLY C 299 18.64 -28.24 31.71
CA GLY C 299 19.94 -28.72 31.24
C GLY C 299 20.80 -29.44 32.25
N GLY C 300 20.65 -29.08 33.53
CA GLY C 300 21.48 -29.68 34.59
C GLY C 300 22.93 -29.21 34.52
N GLU C 301 23.84 -30.08 34.97
CA GLU C 301 25.27 -29.74 35.09
C GLU C 301 25.94 -29.48 33.74
N SER C 302 25.61 -30.29 32.74
CA SER C 302 26.14 -30.10 31.39
C SER C 302 25.58 -28.83 30.73
N GLU C 303 24.45 -28.33 31.24
CA GLU C 303 23.77 -27.15 30.69
C GLU C 303 23.37 -27.35 29.22
N LYS C 304 22.82 -28.53 28.96
CA LYS C 304 22.27 -28.87 27.65
C LYS C 304 20.79 -29.24 27.84
N PRO C 305 19.89 -28.24 27.73
CA PRO C 305 18.47 -28.55 27.89
C PRO C 305 17.99 -29.42 26.74
N LEU C 306 17.25 -30.48 27.05
CA LEU C 306 16.76 -31.41 26.05
C LEU C 306 15.36 -31.00 25.61
N VAL C 307 15.14 -31.00 24.29
CA VAL C 307 13.85 -30.66 23.71
C VAL C 307 13.18 -31.88 23.11
N LEU C 308 11.93 -32.11 23.47
CA LEU C 308 11.10 -33.12 22.85
C LEU C 308 10.12 -32.37 21.97
N SER C 309 10.34 -32.47 20.65
CA SER C 309 9.53 -31.75 19.67
C SER C 309 8.57 -32.69 18.97
N THR C 310 7.42 -32.17 18.55
CA THR C 310 6.48 -32.92 17.70
C THR C 310 6.35 -32.25 16.33
N SER C 311 7.35 -31.43 15.99
CA SER C 311 7.46 -30.83 14.67
C SER C 311 7.67 -31.90 13.61
N PRO C 312 7.22 -31.63 12.38
CA PRO C 312 7.53 -32.52 11.25
C PRO C 312 8.98 -32.43 10.77
N PHE C 313 9.79 -31.53 11.32
CA PHE C 313 11.23 -31.51 11.03
C PHE C 313 12.00 -32.39 12.01
N HIS C 314 11.33 -32.89 13.03
CA HIS C 314 11.96 -33.78 14.01
C HIS C 314 11.32 -35.16 13.93
N PRO C 315 11.93 -36.17 14.56
CA PRO C 315 11.40 -37.51 14.29
C PRO C 315 9.93 -37.66 14.69
N ALA C 316 9.19 -38.46 13.94
CA ALA C 316 7.77 -38.62 14.18
C ALA C 316 7.47 -39.12 15.58
N THR C 317 6.37 -38.64 16.16
CA THR C 317 5.85 -39.13 17.43
C THR C 317 4.40 -39.54 17.28
N HIS C 318 3.84 -40.16 18.30
CA HIS C 318 2.44 -40.57 18.26
C HIS C 318 1.48 -39.37 18.24
N TRP C 319 1.97 -38.20 18.65
CA TRP C 319 1.17 -36.99 18.65
C TRP C 319 0.96 -36.41 17.25
N LYS C 320 1.91 -36.66 16.36
CA LYS C 320 1.86 -36.12 15.00
C LYS C 320 1.72 -34.59 15.06
N GLN C 321 0.92 -34.00 14.16
CA GLN C 321 0.59 -32.59 14.24
C GLN C 321 -0.92 -32.44 14.15
N ALA C 322 -1.44 -31.29 14.61
CA ALA C 322 -2.87 -30.98 14.51
C ALA C 322 -3.09 -30.02 13.35
N LEU C 323 -3.98 -30.41 12.43
CA LEU C 323 -4.16 -29.71 11.16
C LEU C 323 -5.46 -28.91 11.14
N LEU C 324 -5.35 -27.64 10.78
CA LEU C 324 -6.47 -26.70 10.73
C LEU C 324 -6.70 -26.31 9.27
N TYR C 325 -7.73 -26.87 8.66
CA TYR C 325 -8.00 -26.66 7.24
C TYR C 325 -8.84 -25.42 6.97
N LEU C 326 -8.46 -24.67 5.94
CA LEU C 326 -9.29 -23.61 5.37
C LEU C 326 -10.46 -24.26 4.67
N ASN C 327 -11.52 -23.50 4.39
CA ASN C 327 -12.68 -24.05 3.69
C ASN C 327 -12.38 -24.46 2.26
N GLU C 328 -11.36 -23.86 1.65
CA GLU C 328 -10.89 -24.29 0.34
C GLU C 328 -9.43 -23.86 0.16
N PRO C 329 -8.73 -24.43 -0.84
CA PRO C 329 -7.31 -24.06 -1.02
C PRO C 329 -7.12 -22.58 -1.37
N VAL C 330 -5.95 -22.05 -1.03
CA VAL C 330 -5.55 -20.71 -1.46
C VAL C 330 -4.12 -20.79 -2.02
N GLN C 331 -3.93 -20.23 -3.20
CA GLN C 331 -2.63 -20.25 -3.84
C GLN C 331 -1.77 -19.13 -3.24
N VAL C 332 -0.58 -19.51 -2.76
CA VAL C 332 0.37 -18.54 -2.27
C VAL C 332 1.58 -18.52 -3.19
N GLU C 333 2.37 -17.45 -3.08
CA GLU C 333 3.56 -17.24 -3.88
C GLU C 333 4.73 -17.14 -2.93
N GLN C 334 5.93 -17.02 -3.50
CA GLN C 334 7.10 -16.65 -2.71
C GLN C 334 6.84 -15.30 -2.07
N ASP C 335 7.11 -15.19 -0.78
CA ASP C 335 6.94 -13.96 0.01
C ASP C 335 5.48 -13.54 0.30
N THR C 336 4.52 -14.43 0.02
CA THR C 336 3.13 -14.15 0.39
C THR C 336 3.05 -14.09 1.91
N ASP C 337 2.64 -12.94 2.43
CA ASP C 337 2.54 -12.73 3.86
C ASP C 337 1.31 -13.45 4.41
N VAL C 338 1.52 -14.24 5.45
CA VAL C 338 0.45 -14.98 6.12
C VAL C 338 0.46 -14.60 7.59
N SER C 339 -0.66 -14.10 8.11
CA SER C 339 -0.70 -13.61 9.47
C SER C 339 -2.03 -13.90 10.14
N GLY C 340 -2.10 -13.67 11.44
CA GLY C 340 -3.33 -13.86 12.16
C GLY C 340 -3.15 -14.05 13.65
N GLU C 341 -4.17 -14.61 14.27
CA GLU C 341 -4.17 -14.86 15.69
C GLU C 341 -4.81 -16.21 15.91
N ILE C 342 -4.26 -16.97 16.86
CA ILE C 342 -4.79 -18.29 17.20
C ILE C 342 -4.98 -18.38 18.70
N THR C 343 -6.11 -18.91 19.12
CA THR C 343 -6.39 -19.13 20.52
C THR C 343 -6.84 -20.56 20.73
N LEU C 344 -6.22 -21.23 21.71
CA LEU C 344 -6.64 -22.55 22.14
C LEU C 344 -7.50 -22.38 23.38
N LEU C 345 -8.61 -23.10 23.42
CA LEU C 345 -9.65 -22.92 24.44
C LEU C 345 -10.24 -24.26 24.85
N PRO C 346 -10.81 -24.32 26.08
CA PRO C 346 -11.71 -25.41 26.44
C PRO C 346 -13.02 -25.27 25.69
N SER C 347 -13.58 -26.39 25.22
CA SER C 347 -14.86 -26.38 24.52
CA SER C 347 -14.86 -26.36 24.52
C SER C 347 -15.99 -26.14 25.52
N ARG C 348 -17.09 -25.54 25.06
CA ARG C 348 -18.26 -25.29 25.89
C ARG C 348 -18.84 -26.57 26.45
N ASP C 349 -18.93 -27.59 25.59
CA ASP C 349 -19.48 -28.89 25.98
C ASP C 349 -18.58 -29.56 27.03
N ASN C 350 -17.41 -30.03 26.59
CA ASN C 350 -16.45 -30.67 27.48
C ASN C 350 -15.17 -29.82 27.51
N PRO C 351 -14.84 -29.23 28.67
CA PRO C 351 -13.65 -28.35 28.70
C PRO C 351 -12.30 -29.11 28.56
N ARG C 352 -12.31 -30.43 28.74
CA ARG C 352 -11.13 -31.25 28.44
C ARG C 352 -10.89 -31.46 26.94
N ARG C 353 -11.92 -31.15 26.14
CA ARG C 353 -11.85 -31.20 24.68
C ARG C 353 -11.34 -29.85 24.13
N LEU C 354 -10.48 -29.92 23.12
CA LEU C 354 -9.76 -28.75 22.62
C LEU C 354 -10.57 -28.02 21.54
N ARG C 355 -10.69 -26.71 21.71
CA ARG C 355 -11.31 -25.85 20.73
C ARG C 355 -10.25 -24.86 20.25
N VAL C 356 -10.31 -24.48 18.98
CA VAL C 356 -9.38 -23.49 18.42
C VAL C 356 -10.14 -22.37 17.72
N LEU C 357 -9.84 -21.13 18.10
CA LEU C 357 -10.32 -19.96 17.37
C LEU C 357 -9.18 -19.48 16.52
N LEU C 358 -9.41 -19.44 15.20
CA LEU C 358 -8.41 -18.96 14.27
C LEU C 358 -8.92 -17.72 13.55
N ARG C 359 -8.09 -16.69 13.53
CA ARG C 359 -8.28 -15.50 12.73
C ARG C 359 -7.07 -15.45 11.83
N TYR C 360 -7.27 -15.28 10.52
CA TYR C 360 -6.14 -15.31 9.59
C TYR C 360 -6.34 -14.46 8.34
N LYS C 361 -5.22 -14.19 7.66
CA LYS C 361 -5.19 -13.37 6.46
C LYS C 361 -4.06 -13.88 5.55
N VAL C 362 -4.41 -14.28 4.34
CA VAL C 362 -3.42 -14.81 3.40
C VAL C 362 -3.25 -13.82 2.26
N GLY C 363 -2.07 -13.21 2.16
CA GLY C 363 -1.76 -12.28 1.07
C GLY C 363 -2.80 -11.18 0.91
N ASP C 364 -3.35 -11.06 -0.30
N ASP C 364 -3.36 -11.05 -0.29
CA ASP C 364 -4.32 -10.02 -0.65
CA ASP C 364 -4.32 -9.97 -0.58
C ASP C 364 -5.77 -10.35 -0.28
C ASP C 364 -5.78 -10.36 -0.31
N GLN C 365 -6.01 -11.55 0.22
CA GLN C 365 -7.36 -11.98 0.59
C GLN C 365 -7.83 -11.23 1.84
N GLU C 366 -9.14 -11.10 2.00
CA GLU C 366 -9.73 -10.45 3.16
C GLU C 366 -9.36 -11.27 4.39
N GLU C 367 -9.45 -10.65 5.56
CA GLU C 367 -9.28 -11.36 6.82
C GLU C 367 -10.41 -12.38 6.99
N LYS C 368 -10.08 -13.55 7.54
CA LYS C 368 -11.08 -14.59 7.76
C LYS C 368 -10.95 -15.20 9.15
N THR C 369 -11.97 -15.92 9.55
CA THR C 369 -11.99 -16.59 10.85
C THR C 369 -12.57 -17.97 10.69
N LYS C 370 -12.07 -18.92 11.49
CA LYS C 370 -12.66 -20.25 11.53
C LYS C 370 -12.54 -20.86 12.92
N ASP C 371 -13.57 -21.62 13.28
CA ASP C 371 -13.71 -22.21 14.60
C ASP C 371 -13.54 -23.72 14.43
N PHE C 372 -12.66 -24.33 15.24
CA PHE C 372 -12.39 -25.77 15.15
C PHE C 372 -12.57 -26.48 16.49
N ALA C 373 -12.68 -27.81 16.45
CA ALA C 373 -12.64 -28.62 17.65
C ALA C 373 -12.26 -30.07 17.33
N MET C 374 -11.81 -30.81 18.35
CA MET C 374 -11.43 -32.22 18.20
C MET C 374 -12.61 -33.16 18.28
N GLU C 375 -12.49 -34.31 17.60
CA GLU C 375 -13.45 -35.43 17.67
C GLU C 375 -14.92 -35.00 17.73
N UNK D 1 -12.04 8.79 -38.70
CA UNK D 1 -11.81 9.68 -39.88
C UNK D 1 -11.37 11.08 -39.49
N UNK D 2 -10.06 11.29 -39.43
CA UNK D 2 -9.51 12.58 -39.01
C UNK D 2 -8.01 12.70 -39.24
N UNK D 3 -7.60 12.62 -40.50
CA UNK D 3 -6.21 12.84 -40.90
C UNK D 3 -6.09 14.02 -41.85
N UNK D 4 -5.29 15.01 -41.45
CA UNK D 4 -5.19 16.27 -42.20
C UNK D 4 -4.56 17.42 -41.43
N UNK D 5 -4.85 17.52 -40.13
CA UNK D 5 -4.33 18.60 -39.30
C UNK D 5 -2.90 18.37 -38.84
N UNK D 6 -2.66 17.25 -38.17
CA UNK D 6 -1.33 16.90 -37.65
C UNK D 6 -1.35 16.64 -36.15
N UNK E 1 11.02 41.62 -6.78
CA UNK E 1 10.92 40.23 -7.31
C UNK E 1 9.58 39.58 -7.00
N UNK E 2 9.58 38.24 -7.01
CA UNK E 2 8.37 37.46 -6.79
C UNK E 2 8.56 36.34 -5.79
N UNK E 3 8.32 36.63 -4.52
CA UNK E 3 8.37 35.65 -3.43
C UNK E 3 7.43 34.47 -3.54
N UNK E 4 6.12 34.72 -3.45
CA UNK E 4 5.13 33.64 -3.48
C UNK E 4 4.92 32.96 -4.83
N UNK E 5 3.68 32.59 -5.11
CA UNK E 5 3.33 31.93 -6.37
C UNK E 5 3.73 30.46 -6.39
N UNK F 1 -5.44 -45.27 3.04
CA UNK F 1 -6.72 -44.54 3.25
C UNK F 1 -6.63 -43.08 2.86
N UNK F 2 -6.66 -42.19 3.86
CA UNK F 2 -6.62 -40.76 3.59
C UNK F 2 -6.67 -39.89 4.83
N UNK F 3 -6.12 -38.67 4.70
CA UNK F 3 -6.09 -37.69 5.79
C UNK F 3 -7.01 -36.49 5.53
N UNK F 4 -8.12 -36.47 6.24
CA UNK F 4 -9.10 -35.39 6.12
C UNK F 4 -10.23 -35.62 7.12
N UNK F 5 -11.24 -34.75 7.09
CA UNK F 5 -12.39 -34.89 7.98
C UNK F 5 -12.06 -34.71 9.46
#